data_5TEV
#
_entry.id   5TEV
#
_cell.length_a   59.940
_cell.length_b   59.940
_cell.length_c   355.620
_cell.angle_alpha   90.000
_cell.angle_beta   90.000
_cell.angle_gamma   120.000
#
_symmetry.space_group_name_H-M   'P 32 2 1'
#
loop_
_entity.id
_entity.type
_entity.pdbx_description
1 polymer 'Tryptophan--tRNA ligase'
2 water water
#
_entity_poly.entity_id   1
_entity_poly.type   'polypeptide(L)'
_entity_poly.pdbx_seq_one_letter_code
;MAHHHHHHMSKKRVLTGVTTTGTPHLGNYVGAIRPAVRAAQNPDTESFLFLADYHGIIKCHEQEMIHQSTQAVAATWLAC
GLDPERTTFYRQSDIPEVMELNWILTCITAKGLMNRAHAYKAAVQANAENGQEDPDFGVEMGLFSYPILMTADILMFNAN
EVPVGRDQIQHVEMARDIAGRFNHRFQELFTLPEVKIDENVELLVGLDGRKMSKSYGNTIPLWENDKKTQKSVNKIITNM
KEPGEPKQPDESPLFEIYKAFSTPSETAEFTQMLADGLAWGEAKKLSAAKINAELAELRERYNALTSNPSQIEEILQAGA
QKARKEARELLDKVRDAVGIRPLK
;
_entity_poly.pdbx_strand_id   A,B
#
# COMPACT_ATOMS: atom_id res chain seq x y z
N LYS A 11 16.85 7.03 45.04
CA LYS A 11 17.02 6.82 43.60
C LYS A 11 15.98 5.83 43.04
N LYS A 12 15.28 6.25 42.00
CA LYS A 12 14.15 5.50 41.45
C LYS A 12 14.64 4.37 40.57
N ARG A 13 14.35 3.12 40.92
CA ARG A 13 14.75 2.01 40.06
C ARG A 13 13.67 1.73 39.01
N VAL A 14 14.11 1.65 37.76
CA VAL A 14 13.23 1.60 36.58
C VAL A 14 13.58 0.31 35.85
N LEU A 15 12.59 -0.54 35.63
CA LEU A 15 12.85 -1.87 35.09
C LEU A 15 11.95 -2.16 33.90
N THR A 16 12.57 -2.51 32.78
CA THR A 16 11.91 -2.72 31.50
C THR A 16 12.21 -4.13 31.02
N GLY A 17 11.16 -4.88 30.67
CA GLY A 17 11.33 -6.16 30.01
C GLY A 17 11.06 -5.97 28.52
N VAL A 18 11.91 -6.59 27.69
CA VAL A 18 11.80 -6.52 26.23
C VAL A 18 11.64 -7.95 25.69
N THR A 19 10.70 -8.14 24.76
CA THR A 19 10.45 -9.47 24.23
C THR A 19 11.57 -9.90 23.27
N THR A 20 11.63 -11.22 23.05
CA THR A 20 12.63 -11.86 22.17
C THR A 20 11.95 -12.89 21.28
N THR A 21 10.99 -12.46 20.46
CA THR A 21 10.22 -13.38 19.62
C THR A 21 10.24 -12.97 18.16
N GLY A 22 11.13 -12.08 17.78
CA GLY A 22 11.30 -11.72 16.39
C GLY A 22 12.30 -10.59 16.30
N THR A 23 12.64 -10.27 15.07
CA THR A 23 13.65 -9.24 14.85
C THR A 23 13.00 -7.86 14.92
N PRO A 24 13.56 -6.93 15.69
CA PRO A 24 13.03 -5.56 15.71
C PRO A 24 12.84 -4.98 14.31
N HIS A 25 11.76 -4.21 14.16
CA HIS A 25 11.47 -3.49 12.94
C HIS A 25 11.35 -1.98 13.25
N LEU A 26 10.95 -1.22 12.23
CA LEU A 26 10.93 0.23 12.36
C LEU A 26 9.97 0.67 13.46
N GLY A 27 8.82 -0.01 13.58
CA GLY A 27 7.87 0.32 14.63
C GLY A 27 8.43 0.16 16.03
N ASN A 28 9.22 -0.89 16.27
CA ASN A 28 9.84 -1.05 17.58
C ASN A 28 10.82 0.09 17.87
N TYR A 29 11.59 0.50 16.85
CA TYR A 29 12.54 1.59 17.02
C TYR A 29 11.82 2.90 17.35
N VAL A 30 10.82 3.26 16.54
CA VAL A 30 10.09 4.52 16.73
C VAL A 30 9.26 4.48 18.01
N GLY A 31 8.66 3.32 18.32
CA GLY A 31 7.68 3.27 19.38
C GLY A 31 8.25 3.03 20.76
N ALA A 32 9.35 2.27 20.86
CA ALA A 32 9.86 1.87 22.17
C ALA A 32 11.34 2.17 22.34
N ILE A 33 12.17 1.77 21.37
CA ILE A 33 13.63 1.72 21.57
C ILE A 33 14.20 3.12 21.65
N ARG A 34 13.97 3.94 20.63
CA ARG A 34 14.53 5.28 20.60
C ARG A 34 14.18 6.10 21.84
N PRO A 35 12.92 6.13 22.31
CA PRO A 35 12.66 6.88 23.55
C PRO A 35 13.14 6.14 24.81
N ALA A 36 13.22 4.83 24.79
CA ALA A 36 13.72 4.12 25.97
C ALA A 36 15.21 4.39 26.18
N VAL A 37 15.99 4.48 25.10
CA VAL A 37 17.41 4.75 25.25
C VAL A 37 17.64 6.15 25.78
N ARG A 38 16.84 7.14 25.33
CA ARG A 38 16.95 8.48 25.90
C ARG A 38 16.55 8.48 27.38
N ALA A 39 15.44 7.81 27.71
CA ALA A 39 14.96 7.79 29.09
C ALA A 39 15.97 7.15 30.03
N ALA A 40 16.66 6.12 29.56
CA ALA A 40 17.62 5.40 30.39
C ALA A 40 18.81 6.28 30.80
N GLN A 41 19.04 7.39 30.10
CA GLN A 41 20.14 8.29 30.43
C GLN A 41 19.86 9.16 31.65
N ASN A 42 18.63 9.14 32.18
CA ASN A 42 18.27 9.97 33.32
C ASN A 42 19.16 9.60 34.52
N PRO A 43 19.93 10.54 35.07
CA PRO A 43 20.84 10.19 36.16
C PRO A 43 20.14 10.01 37.50
N ASP A 44 18.89 10.45 37.64
CA ASP A 44 18.14 10.21 38.86
C ASP A 44 17.57 8.80 38.93
N THR A 45 17.71 8.02 37.88
CA THR A 45 17.11 6.70 37.82
C THR A 45 18.20 5.64 37.76
N GLU A 46 17.89 4.48 38.34
CA GLU A 46 18.67 3.28 38.16
C GLU A 46 17.95 2.41 37.14
N SER A 47 18.57 2.25 35.98
CA SER A 47 17.95 1.62 34.81
C SER A 47 18.28 0.13 34.76
N PHE A 48 17.26 -0.71 34.72
CA PHE A 48 17.39 -2.16 34.48
C PHE A 48 16.56 -2.52 33.26
N LEU A 49 17.09 -3.40 32.42
CA LEU A 49 16.44 -3.80 31.18
C LEU A 49 16.82 -5.24 30.89
N PHE A 50 15.82 -6.11 30.71
CA PHE A 50 16.14 -7.51 30.51
C PHE A 50 15.50 -8.04 29.24
N LEU A 51 16.15 -9.05 28.67
CA LEU A 51 15.59 -9.79 27.54
C LEU A 51 14.73 -10.91 28.11
N ALA A 52 13.45 -10.89 27.76
CA ALA A 52 12.47 -11.81 28.35
C ALA A 52 12.47 -13.13 27.58
N ASP A 53 13.64 -13.77 27.52
CA ASP A 53 13.76 -14.97 26.70
C ASP A 53 13.01 -16.17 27.29
N TYR A 54 12.75 -16.21 28.60
CA TYR A 54 11.88 -17.29 29.08
C TYR A 54 10.39 -17.00 28.89
N HIS A 55 9.97 -15.73 28.85
CA HIS A 55 8.63 -15.46 28.32
C HIS A 55 8.55 -15.84 26.85
N GLY A 56 9.68 -15.80 26.14
CA GLY A 56 9.70 -16.10 24.72
C GLY A 56 9.17 -17.49 24.37
N ILE A 57 9.37 -18.45 25.25
CA ILE A 57 8.99 -19.83 24.91
C ILE A 57 7.55 -20.15 25.32
N ILE A 58 6.73 -19.13 25.61
CA ILE A 58 5.31 -19.39 25.91
C ILE A 58 4.60 -19.89 24.65
N LYS A 59 4.82 -19.23 23.52
CA LYS A 59 4.28 -19.64 22.23
C LYS A 59 5.35 -20.05 21.22
N CYS A 60 6.52 -19.42 21.28
CA CYS A 60 7.57 -19.55 20.25
C CYS A 60 8.44 -20.76 20.57
N HIS A 61 7.96 -21.93 20.15
CA HIS A 61 8.66 -23.18 20.40
C HIS A 61 9.57 -23.56 19.24
N GLU A 62 9.80 -22.64 18.31
CA GLU A 62 10.85 -22.78 17.30
C GLU A 62 12.16 -22.40 17.98
N GLN A 63 12.97 -23.42 18.31
CA GLN A 63 14.18 -23.21 19.11
C GLN A 63 15.13 -22.22 18.43
N GLU A 64 15.24 -22.30 17.10
CA GLU A 64 16.08 -21.34 16.38
C GLU A 64 15.60 -19.90 16.55
N MET A 65 14.31 -19.71 16.83
CA MET A 65 13.73 -18.36 16.88
C MET A 65 14.17 -17.59 18.12
N ILE A 66 13.98 -18.17 19.30
CA ILE A 66 14.35 -17.48 20.53
C ILE A 66 15.84 -17.13 20.52
N HIS A 67 16.68 -18.01 19.96
CA HIS A 67 18.12 -17.71 19.93
C HIS A 67 18.43 -16.59 18.97
N GLN A 68 17.99 -16.70 17.70
CA GLN A 68 18.16 -15.62 16.73
C GLN A 68 17.58 -14.31 17.26
N SER A 69 16.38 -14.35 17.86
CA SER A 69 15.74 -13.14 18.36
C SER A 69 16.52 -12.53 19.51
N THR A 70 17.02 -13.38 20.42
CA THR A 70 17.81 -12.85 21.54
C THR A 70 19.01 -12.05 21.02
N GLN A 71 19.71 -12.58 20.03
CA GLN A 71 20.88 -11.88 19.52
C GLN A 71 20.47 -10.61 18.77
N ALA A 72 19.44 -10.71 17.92
CA ALA A 72 18.95 -9.54 17.20
C ALA A 72 18.45 -8.46 18.14
N VAL A 73 17.69 -8.84 19.18
CA VAL A 73 17.14 -7.85 20.10
C VAL A 73 18.25 -7.22 20.95
N ALA A 74 19.22 -8.03 21.39
CA ALA A 74 20.32 -7.52 22.20
C ALA A 74 21.22 -6.58 21.39
N ALA A 75 21.62 -7.00 20.19
CA ALA A 75 22.40 -6.13 19.33
C ALA A 75 21.64 -4.85 18.99
N THR A 76 20.32 -4.96 18.82
CA THR A 76 19.50 -3.80 18.45
C THR A 76 19.57 -2.72 19.51
N TRP A 77 19.38 -3.09 20.78
CA TRP A 77 19.39 -2.09 21.83
C TRP A 77 20.78 -1.53 22.04
N LEU A 78 21.82 -2.37 21.95
CA LEU A 78 23.18 -1.87 22.05
C LEU A 78 23.48 -0.91 20.91
N ALA A 79 23.07 -1.26 19.69
CA ALA A 79 23.36 -0.44 18.51
C ALA A 79 22.64 0.91 18.57
N CYS A 80 21.50 0.97 19.24
CA CYS A 80 20.75 2.21 19.33
C CYS A 80 21.18 3.07 20.50
N GLY A 81 22.18 2.65 21.26
CA GLY A 81 22.77 3.45 22.30
C GLY A 81 22.53 3.02 23.73
N LEU A 82 21.87 1.89 23.99
CA LEU A 82 21.77 1.42 25.37
C LEU A 82 23.17 1.19 25.92
N ASP A 83 23.50 1.87 27.01
CA ASP A 83 24.83 1.79 27.61
C ASP A 83 24.83 0.78 28.74
N PRO A 84 25.51 -0.37 28.61
CA PRO A 84 25.50 -1.34 29.70
C PRO A 84 26.35 -0.93 30.90
N GLU A 85 27.06 0.20 30.83
CA GLU A 85 27.69 0.77 32.02
C GLU A 85 26.66 1.53 32.87
N ARG A 86 25.63 2.05 32.24
CA ARG A 86 24.56 2.75 32.94
C ARG A 86 23.37 1.85 33.22
N THR A 87 22.96 1.04 32.26
CA THR A 87 21.80 0.18 32.38
C THR A 87 22.25 -1.24 32.71
N THR A 88 21.69 -1.81 33.77
CA THR A 88 21.95 -3.22 34.07
C THR A 88 21.16 -4.07 33.07
N PHE A 89 21.88 -4.83 32.23
CA PHE A 89 21.34 -5.35 30.98
C PHE A 89 21.63 -6.84 30.87
N TYR A 90 20.57 -7.67 30.92
CA TYR A 90 20.75 -9.10 31.15
C TYR A 90 19.63 -9.91 30.52
N ARG A 91 19.90 -11.20 30.29
CA ARG A 91 18.86 -12.15 29.90
C ARG A 91 18.13 -12.70 31.13
N GLN A 92 16.79 -12.75 31.03
CA GLN A 92 15.99 -13.39 32.07
C GLN A 92 16.49 -14.79 32.39
N SER A 93 16.93 -15.54 31.37
CA SER A 93 17.44 -16.90 31.51
C SER A 93 18.75 -16.99 32.28
N ASP A 94 19.39 -15.87 32.61
CA ASP A 94 20.63 -15.85 33.39
C ASP A 94 20.40 -15.49 34.86
N ILE A 95 19.14 -15.34 35.29
CA ILE A 95 18.81 -15.00 36.67
C ILE A 95 18.00 -16.14 37.29
N PRO A 96 18.66 -17.21 37.79
CA PRO A 96 17.88 -18.33 38.37
C PRO A 96 17.10 -17.93 39.61
N GLU A 97 17.49 -16.86 40.28
CA GLU A 97 16.76 -16.36 41.44
C GLU A 97 15.32 -16.00 41.06
N VAL A 98 15.10 -15.45 39.87
CA VAL A 98 13.75 -15.11 39.46
C VAL A 98 12.84 -16.34 39.42
N MET A 99 13.40 -17.50 39.04
CA MET A 99 12.60 -18.72 38.93
C MET A 99 12.20 -19.26 40.29
N GLU A 100 13.05 -19.07 41.29
CA GLU A 100 12.70 -19.49 42.63
C GLU A 100 11.63 -18.57 43.22
N LEU A 101 11.84 -17.26 43.08
CA LEU A 101 10.81 -16.29 43.47
C LEU A 101 9.50 -16.57 42.73
N ASN A 102 9.56 -16.94 41.45
CA ASN A 102 8.34 -17.25 40.70
C ASN A 102 7.47 -18.25 41.46
N TRP A 103 8.07 -19.32 41.98
CA TRP A 103 7.29 -20.30 42.74
C TRP A 103 6.76 -19.70 44.04
N ILE A 104 7.62 -18.98 44.77
CA ILE A 104 7.19 -18.40 46.05
C ILE A 104 5.96 -17.50 45.86
N LEU A 105 5.97 -16.65 44.82
CA LEU A 105 4.82 -15.79 44.54
C LEU A 105 3.59 -16.58 44.09
N THR A 106 3.81 -17.62 43.29
CA THR A 106 2.69 -18.47 42.89
C THR A 106 1.88 -18.92 44.10
N CYS A 107 2.56 -19.28 45.20
CA CYS A 107 1.87 -19.79 46.39
C CYS A 107 1.00 -18.76 47.07
N ILE A 108 1.23 -17.46 46.86
CA ILE A 108 0.39 -16.44 47.47
C ILE A 108 -0.45 -15.68 46.43
N THR A 109 -0.60 -16.22 45.21
CA THR A 109 -1.39 -15.56 44.17
C THR A 109 -2.74 -16.27 44.03
N ALA A 110 -3.83 -15.50 44.13
CA ALA A 110 -5.17 -16.07 43.95
C ALA A 110 -5.35 -16.52 42.50
N LYS A 111 -5.92 -17.72 42.32
CA LYS A 111 -6.22 -18.17 40.95
C LYS A 111 -7.14 -17.19 40.25
N GLY A 112 -8.03 -16.53 41.01
CA GLY A 112 -8.90 -15.55 40.43
C GLY A 112 -8.14 -14.47 39.70
N LEU A 113 -6.94 -14.12 40.19
CA LEU A 113 -6.17 -13.07 39.54
C LEU A 113 -5.69 -13.53 38.17
N MET A 114 -5.27 -14.80 38.04
CA MET A 114 -4.91 -15.32 36.72
C MET A 114 -6.13 -15.54 35.84
N ASN A 115 -7.28 -15.92 36.43
CA ASN A 115 -8.53 -16.03 35.65
C ASN A 115 -8.87 -14.73 34.93
N ARG A 116 -8.54 -13.59 35.53
CA ARG A 116 -8.97 -12.30 35.00
C ARG A 116 -7.94 -11.65 34.08
N ALA A 117 -6.78 -12.27 33.91
CA ALA A 117 -5.71 -11.68 33.11
C ALA A 117 -6.09 -11.65 31.64
N HIS A 118 -5.69 -10.57 30.96
CA HIS A 118 -6.20 -10.27 29.62
C HIS A 118 -5.80 -11.35 28.60
N ALA A 119 -4.52 -11.76 28.58
CA ALA A 119 -4.09 -12.73 27.56
C ALA A 119 -4.90 -14.01 27.65
N TYR A 120 -5.04 -14.55 28.88
CA TYR A 120 -5.86 -15.75 29.08
C TYR A 120 -7.30 -15.51 28.64
N LYS A 121 -7.91 -14.37 29.03
CA LYS A 121 -9.31 -14.14 28.71
C LYS A 121 -9.50 -14.04 27.21
N ALA A 122 -8.55 -13.44 26.50
CA ALA A 122 -8.68 -13.36 25.05
C ALA A 122 -8.58 -14.76 24.42
N ALA A 123 -7.76 -15.64 24.99
CA ALA A 123 -7.73 -17.01 24.49
C ALA A 123 -9.06 -17.69 24.73
N VAL A 124 -9.64 -17.50 25.91
CA VAL A 124 -10.94 -18.09 26.20
C VAL A 124 -12.00 -17.55 25.24
N GLN A 125 -11.96 -16.23 24.97
CA GLN A 125 -12.97 -15.66 24.08
C GLN A 125 -12.79 -16.17 22.65
N ALA A 126 -11.54 -16.23 22.18
CA ALA A 126 -11.25 -16.75 20.85
C ALA A 126 -11.80 -18.18 20.67
N ASN A 127 -11.78 -19.00 21.74
CA ASN A 127 -12.40 -20.32 21.65
C ASN A 127 -13.92 -20.21 21.54
N ALA A 128 -14.52 -19.24 22.21
CA ALA A 128 -15.96 -19.02 22.08
C ALA A 128 -16.32 -18.56 20.67
N GLU A 129 -15.56 -17.62 20.12
CA GLU A 129 -15.83 -17.15 18.76
C GLU A 129 -15.60 -18.23 17.72
N ASN A 130 -14.63 -19.12 17.94
CA ASN A 130 -14.36 -20.23 17.03
C ASN A 130 -15.33 -21.39 17.22
N GLY A 131 -16.25 -21.31 18.16
CA GLY A 131 -17.18 -22.40 18.38
C GLY A 131 -16.59 -23.58 19.10
N GLN A 132 -15.61 -23.36 19.97
CA GLN A 132 -15.01 -24.42 20.76
C GLN A 132 -15.82 -24.64 22.04
N GLU A 133 -16.14 -25.90 22.33
CA GLU A 133 -16.89 -26.20 23.54
C GLU A 133 -16.02 -26.09 24.79
N ASP A 134 -14.71 -26.31 24.66
CA ASP A 134 -13.79 -26.23 25.78
C ASP A 134 -13.22 -24.81 25.86
N PRO A 135 -13.47 -24.06 26.92
CA PRO A 135 -12.90 -22.70 27.00
C PRO A 135 -11.39 -22.70 27.05
N ASP A 136 -10.78 -23.77 27.57
CA ASP A 136 -9.34 -23.88 27.66
C ASP A 136 -8.73 -24.73 26.55
N PHE A 137 -9.45 -24.89 25.43
CA PHE A 137 -8.90 -25.58 24.29
C PHE A 137 -7.62 -24.91 23.83
N GLY A 138 -6.54 -25.70 23.69
CA GLY A 138 -5.28 -25.18 23.22
C GLY A 138 -4.54 -24.25 24.15
N VAL A 139 -5.08 -23.99 25.35
CA VAL A 139 -4.42 -23.10 26.31
C VAL A 139 -3.38 -23.89 27.09
N GLU A 140 -2.15 -23.37 27.13
CA GLU A 140 -1.09 -23.95 27.93
C GLU A 140 -0.79 -23.05 29.12
N MET A 141 -0.10 -23.63 30.10
CA MET A 141 -0.03 -22.97 31.40
C MET A 141 0.89 -21.77 31.36
N GLY A 142 1.81 -21.71 30.40
CA GLY A 142 2.63 -20.51 30.23
C GLY A 142 1.78 -19.28 29.97
N LEU A 143 0.75 -19.41 29.14
CA LEU A 143 -0.18 -18.30 28.93
C LEU A 143 -0.92 -17.94 30.22
N PHE A 144 -1.33 -18.96 30.99
CA PHE A 144 -2.12 -18.70 32.19
C PHE A 144 -1.26 -18.10 33.31
N SER A 145 0.02 -18.48 33.40
CA SER A 145 0.81 -18.18 34.58
C SER A 145 1.95 -17.17 34.34
N TYR A 146 2.23 -16.77 33.08
CA TYR A 146 3.30 -15.80 32.87
C TYR A 146 3.13 -14.52 33.70
N PRO A 147 1.91 -14.04 34.03
CA PRO A 147 1.83 -12.82 34.85
C PRO A 147 2.46 -12.97 36.22
N ILE A 148 2.50 -14.18 36.77
CA ILE A 148 3.23 -14.39 38.00
C ILE A 148 4.73 -14.33 37.73
N LEU A 149 5.18 -14.88 36.59
CA LEU A 149 6.60 -14.81 36.25
C LEU A 149 7.03 -13.36 35.99
N MET A 150 6.22 -12.61 35.26
CA MET A 150 6.53 -11.20 35.03
C MET A 150 6.61 -10.42 36.34
N THR A 151 5.73 -10.76 37.30
CA THR A 151 5.78 -10.14 38.62
C THR A 151 7.11 -10.43 39.31
N ALA A 152 7.56 -11.70 39.28
CA ALA A 152 8.88 -12.04 39.81
C ALA A 152 9.99 -11.24 39.12
N ASP A 153 9.91 -11.09 37.79
CA ASP A 153 10.86 -10.25 37.03
C ASP A 153 10.99 -8.86 37.65
N ILE A 154 9.85 -8.28 38.04
CA ILE A 154 9.80 -6.93 38.58
C ILE A 154 10.20 -6.93 40.06
N LEU A 155 9.55 -7.78 40.87
CA LEU A 155 9.75 -7.71 42.31
C LEU A 155 11.15 -8.16 42.73
N MET A 156 11.79 -9.02 41.93
CA MET A 156 13.11 -9.50 42.30
C MET A 156 14.09 -8.35 42.47
N PHE A 157 13.84 -7.24 41.80
CA PHE A 157 14.73 -6.10 41.86
C PHE A 157 14.06 -4.89 42.53
N ASN A 158 12.90 -5.10 43.16
CA ASN A 158 12.14 -4.05 43.85
C ASN A 158 12.07 -2.77 43.04
N ALA A 159 11.70 -2.93 41.76
CA ALA A 159 11.58 -1.78 40.88
C ALA A 159 10.54 -0.80 41.40
N ASN A 160 10.88 0.50 41.33
CA ASN A 160 9.90 1.55 41.63
C ASN A 160 8.99 1.83 40.44
N GLU A 161 9.50 1.69 39.23
CA GLU A 161 8.73 2.03 38.05
C GLU A 161 8.94 0.95 37.00
N VAL A 162 7.88 0.70 36.24
CA VAL A 162 7.92 -0.25 35.14
C VAL A 162 7.32 0.42 33.91
N PRO A 163 8.13 0.86 32.94
CA PRO A 163 7.58 1.40 31.70
C PRO A 163 6.74 0.33 31.00
N VAL A 164 5.47 0.64 30.73
CA VAL A 164 4.59 -0.28 30.01
C VAL A 164 3.77 0.51 29.01
N GLY A 165 3.25 -0.21 28.01
CA GLY A 165 2.22 0.36 27.18
C GLY A 165 0.93 0.53 27.95
N ARG A 166 0.17 1.59 27.59
CA ARG A 166 -1.15 1.77 28.22
C ARG A 166 -1.97 0.49 28.13
N ASP A 167 -1.75 -0.31 27.08
CA ASP A 167 -2.35 -1.63 26.91
C ASP A 167 -2.02 -2.58 28.04
N GLN A 168 -0.84 -2.45 28.64
CA GLN A 168 -0.33 -3.48 29.52
C GLN A 168 -0.36 -3.04 30.97
N ILE A 169 -1.13 -1.99 31.28
CA ILE A 169 -1.19 -1.53 32.66
C ILE A 169 -1.56 -2.67 33.61
N GLN A 170 -2.39 -3.62 33.14
CA GLN A 170 -2.82 -4.69 34.05
C GLN A 170 -1.65 -5.55 34.53
N HIS A 171 -0.58 -5.66 33.75
CA HIS A 171 0.62 -6.36 34.22
C HIS A 171 1.15 -5.76 35.52
N VAL A 172 1.20 -4.42 35.62
CA VAL A 172 1.75 -3.79 36.81
C VAL A 172 0.77 -3.91 37.98
N GLU A 173 -0.54 -3.81 37.70
CA GLU A 173 -1.54 -3.99 38.75
C GLU A 173 -1.46 -5.37 39.37
N MET A 174 -1.36 -6.42 38.53
CA MET A 174 -1.14 -7.76 39.07
C MET A 174 0.15 -7.83 39.90
N ALA A 175 1.24 -7.23 39.41
CA ALA A 175 2.46 -7.17 40.23
C ALA A 175 2.22 -6.48 41.57
N ARG A 176 1.49 -5.36 41.57
CA ARG A 176 1.21 -4.66 42.82
C ARG A 176 0.36 -5.53 43.76
N ASP A 177 -0.63 -6.23 43.20
CA ASP A 177 -1.49 -7.10 43.99
C ASP A 177 -0.68 -8.24 44.63
N ILE A 178 0.08 -8.96 43.81
CA ILE A 178 0.89 -10.06 44.33
C ILE A 178 1.90 -9.56 45.37
N ALA A 179 2.56 -8.42 45.11
CA ALA A 179 3.50 -7.87 46.11
C ALA A 179 2.79 -7.68 47.43
N GLY A 180 1.58 -7.11 47.39
CA GLY A 180 0.86 -6.81 48.62
C GLY A 180 0.45 -8.05 49.38
N ARG A 181 0.03 -9.11 48.66
CA ARG A 181 -0.31 -10.37 49.33
C ARG A 181 0.91 -11.01 49.98
N PHE A 182 2.07 -10.98 49.30
CA PHE A 182 3.28 -11.47 49.95
C PHE A 182 3.58 -10.67 51.21
N ASN A 183 3.51 -9.33 51.11
CA ASN A 183 3.89 -8.50 52.24
C ASN A 183 3.00 -8.78 53.42
N HIS A 184 1.72 -9.01 53.15
CA HIS A 184 0.76 -9.24 54.24
C HIS A 184 0.93 -10.63 54.83
N ARG A 185 1.28 -11.62 53.99
CA ARG A 185 1.36 -13.00 54.49
C ARG A 185 2.67 -13.24 55.25
N PHE A 186 3.77 -12.65 54.79
CA PHE A 186 5.07 -12.95 55.37
C PHE A 186 5.63 -11.71 56.02
N GLN A 187 6.42 -10.90 55.31
CA GLN A 187 6.92 -9.63 55.82
C GLN A 187 6.97 -8.65 54.65
N GLU A 188 7.02 -7.37 54.96
CA GLU A 188 6.93 -6.35 53.92
C GLU A 188 8.31 -6.18 53.29
N LEU A 189 8.59 -7.02 52.29
CA LEU A 189 9.89 -6.97 51.62
C LEU A 189 9.84 -6.26 50.28
N PHE A 190 8.66 -6.12 49.69
CA PHE A 190 8.53 -5.71 48.30
C PHE A 190 7.98 -4.30 48.18
N THR A 191 8.58 -3.53 47.29
CA THR A 191 8.04 -2.24 46.85
C THR A 191 6.94 -2.48 45.84
N LEU A 192 5.84 -1.73 45.98
CA LEU A 192 4.78 -1.88 44.99
C LEU A 192 5.21 -1.12 43.74
N PRO A 193 5.43 -1.78 42.60
CA PRO A 193 5.94 -1.08 41.42
C PRO A 193 4.88 -0.15 40.86
N GLU A 194 5.32 0.88 40.13
CA GLU A 194 4.36 1.80 39.56
C GLU A 194 4.51 1.88 38.05
N VAL A 195 3.37 2.08 37.40
CA VAL A 195 3.29 2.23 35.94
C VAL A 195 4.06 3.48 35.52
N LYS A 196 4.87 3.37 34.48
CA LYS A 196 5.36 4.54 33.77
C LYS A 196 4.86 4.48 32.34
N ILE A 197 4.09 5.48 31.95
CA ILE A 197 3.55 5.60 30.60
C ILE A 197 4.35 6.65 29.84
N ASP A 198 4.74 6.30 28.61
CA ASP A 198 5.34 7.27 27.69
C ASP A 198 4.21 8.11 27.09
N GLU A 199 4.11 9.37 27.53
CA GLU A 199 2.98 10.21 27.12
C GLU A 199 2.98 10.46 25.62
N ASN A 200 4.15 10.42 24.97
CA ASN A 200 4.28 10.80 23.57
C ASN A 200 4.62 9.62 22.66
N VAL A 201 4.13 8.43 22.98
CA VAL A 201 4.48 7.25 22.20
C VAL A 201 3.65 7.23 20.93
N GLU A 202 4.32 7.03 19.79
CA GLU A 202 3.67 6.95 18.49
C GLU A 202 3.75 5.51 18.00
N LEU A 203 2.60 4.83 17.95
CA LEU A 203 2.52 3.50 17.37
C LEU A 203 2.59 3.61 15.85
N LEU A 204 3.68 3.12 15.26
CA LEU A 204 3.94 3.32 13.84
C LEU A 204 3.09 2.42 12.96
N VAL A 205 2.60 3.00 11.85
CA VAL A 205 1.75 2.32 10.87
C VAL A 205 2.62 1.53 9.91
N GLY A 206 2.15 0.36 9.50
CA GLY A 206 2.89 -0.52 8.63
C GLY A 206 2.62 -0.28 7.14
N LEU A 207 3.04 -1.25 6.34
CA LEU A 207 3.01 -1.09 4.89
C LEU A 207 1.60 -1.04 4.34
N ASP A 208 0.65 -1.73 4.98
CA ASP A 208 -0.69 -1.88 4.46
C ASP A 208 -1.70 -1.00 5.17
N GLY A 209 -1.24 -0.11 6.05
CA GLY A 209 -2.13 0.79 6.76
C GLY A 209 -2.54 0.35 8.14
N ARG A 210 -2.33 -0.92 8.49
CA ARG A 210 -2.53 -1.39 9.86
C ARG A 210 -1.27 -1.12 10.69
N LYS A 211 -1.41 -1.23 12.01
CA LYS A 211 -0.25 -1.13 12.89
C LYS A 211 0.87 -2.02 12.36
N MET A 212 2.09 -1.49 12.35
CA MET A 212 3.23 -2.27 11.90
C MET A 212 3.44 -3.41 12.89
N SER A 213 3.41 -4.65 12.41
CA SER A 213 3.44 -5.80 13.31
C SER A 213 3.99 -7.03 12.60
N LYS A 214 4.84 -7.77 13.30
CA LYS A 214 5.31 -9.06 12.79
C LYS A 214 4.12 -9.97 12.47
N SER A 215 3.07 -9.90 13.28
CA SER A 215 1.89 -10.74 13.07
C SER A 215 1.22 -10.46 11.72
N TYR A 216 1.37 -9.24 11.21
CA TYR A 216 0.72 -8.85 9.98
C TYR A 216 1.59 -9.02 8.74
N GLY A 217 2.89 -9.26 8.91
CA GLY A 217 3.82 -9.26 7.77
C GLY A 217 3.89 -7.94 7.04
N ASN A 218 3.71 -6.82 7.75
CA ASN A 218 3.65 -5.50 7.13
C ASN A 218 4.77 -4.60 7.66
N THR A 219 5.88 -5.20 8.06
CA THR A 219 6.94 -4.46 8.70
C THR A 219 7.93 -3.91 7.69
N ILE A 220 8.63 -2.87 8.10
CA ILE A 220 9.84 -2.37 7.45
C ILE A 220 11.01 -2.75 8.36
N PRO A 221 11.98 -3.53 7.88
CA PRO A 221 13.05 -4.02 8.77
C PRO A 221 13.96 -2.89 9.22
N LEU A 222 14.54 -3.07 10.41
CA LEU A 222 15.37 -2.02 10.96
C LEU A 222 16.77 -2.04 10.36
N TRP A 223 17.34 -3.22 10.14
CA TRP A 223 18.78 -3.36 10.00
C TRP A 223 19.23 -3.86 8.63
N GLU A 224 18.51 -3.51 7.57
CA GLU A 224 18.97 -3.83 6.23
C GLU A 224 19.59 -2.60 5.59
N ASN A 225 20.41 -2.83 4.56
CA ASN A 225 21.22 -1.75 3.99
C ASN A 225 20.33 -0.72 3.32
N ASP A 226 20.99 0.31 2.76
CA ASP A 226 20.28 1.45 2.17
C ASP A 226 19.34 0.99 1.06
N LYS A 227 19.85 0.21 0.11
CA LYS A 227 19.06 -0.19 -1.05
C LYS A 227 17.88 -1.08 -0.64
N LYS A 228 18.12 -2.05 0.25
CA LYS A 228 17.04 -2.92 0.70
C LYS A 228 15.97 -2.14 1.47
N THR A 229 16.36 -1.02 2.11
CA THR A 229 15.38 -0.19 2.80
C THR A 229 14.52 0.57 1.81
N GLN A 230 15.13 1.07 0.74
CA GLN A 230 14.36 1.72 -0.33
C GLN A 230 13.26 0.80 -0.85
N LYS A 231 13.60 -0.43 -1.23
CA LYS A 231 12.59 -1.34 -1.78
C LYS A 231 11.48 -1.62 -0.79
N SER A 232 11.79 -1.60 0.52
CA SER A 232 10.76 -1.85 1.52
C SER A 232 9.83 -0.65 1.67
N VAL A 233 10.38 0.56 1.62
CA VAL A 233 9.55 1.77 1.62
C VAL A 233 8.70 1.83 0.35
N ASN A 234 9.18 1.30 -0.77
CA ASN A 234 8.36 1.27 -1.99
C ASN A 234 7.12 0.42 -1.80
N LYS A 235 7.16 -0.56 -0.89
CA LYS A 235 6.02 -1.45 -0.67
C LYS A 235 4.87 -0.78 0.08
N ILE A 236 5.04 0.47 0.55
CA ILE A 236 3.97 1.13 1.30
C ILE A 236 2.81 1.44 0.36
N ILE A 237 1.58 1.23 0.86
CA ILE A 237 0.40 1.49 0.04
C ILE A 237 0.24 2.99 -0.17
N THR A 238 -0.31 3.36 -1.32
CA THR A 238 -0.63 4.74 -1.66
C THR A 238 -1.98 4.76 -2.36
N ASN A 239 -2.04 5.31 -3.56
CA ASN A 239 -3.26 5.27 -4.36
C ASN A 239 -2.89 5.48 -5.82
N MET A 240 -3.89 5.79 -6.64
CA MET A 240 -3.69 6.00 -8.07
C MET A 240 -3.48 7.47 -8.43
N LYS A 241 -3.15 8.32 -7.46
CA LYS A 241 -2.89 9.73 -7.76
C LYS A 241 -1.52 9.89 -8.41
N GLU A 242 -1.50 10.56 -9.56
CA GLU A 242 -0.33 10.65 -10.42
C GLU A 242 0.54 11.83 -10.02
N PRO A 243 1.74 11.95 -10.60
CA PRO A 243 2.57 13.14 -10.35
C PRO A 243 1.85 14.41 -10.77
N GLY A 244 1.81 15.39 -9.86
CA GLY A 244 1.09 16.62 -10.06
C GLY A 244 -0.27 16.65 -9.42
N GLU A 245 -0.87 15.50 -9.15
CA GLU A 245 -2.12 15.45 -8.40
C GLU A 245 -1.83 15.74 -6.94
N PRO A 246 -2.46 16.74 -6.33
CA PRO A 246 -2.19 17.04 -4.92
C PRO A 246 -2.71 15.94 -4.00
N LYS A 247 -1.93 15.63 -2.98
CA LYS A 247 -2.21 14.50 -2.09
C LYS A 247 -2.06 14.94 -0.64
N GLN A 248 -3.05 14.56 0.20
CA GLN A 248 -3.09 14.96 1.59
C GLN A 248 -2.43 13.90 2.46
N PRO A 249 -1.89 14.29 3.63
CA PRO A 249 -1.16 13.32 4.45
C PRO A 249 -1.94 12.07 4.81
N ASP A 250 -3.27 12.14 4.86
CA ASP A 250 -4.08 11.01 5.29
C ASP A 250 -4.25 9.93 4.23
N GLU A 251 -3.68 10.11 3.04
CA GLU A 251 -3.88 9.15 1.95
C GLU A 251 -2.93 7.96 1.99
N SER A 252 -1.82 8.05 2.73
CA SER A 252 -0.85 6.96 2.70
C SER A 252 -0.06 6.91 3.99
N PRO A 253 0.18 5.71 4.53
CA PRO A 253 1.05 5.57 5.70
C PRO A 253 2.43 6.17 5.49
N LEU A 254 2.76 6.52 4.25
CA LEU A 254 4.04 7.13 3.95
C LEU A 254 4.26 8.43 4.73
N PHE A 255 3.20 9.19 5.00
CA PHE A 255 3.39 10.46 5.69
C PHE A 255 3.80 10.23 7.14
N GLU A 256 3.03 9.44 7.89
CA GLU A 256 3.37 9.19 9.28
C GLU A 256 4.77 8.60 9.41
N ILE A 257 5.19 7.80 8.42
CA ILE A 257 6.53 7.23 8.46
C ILE A 257 7.59 8.33 8.29
N TYR A 258 7.38 9.24 7.34
CA TYR A 258 8.35 10.32 7.16
C TYR A 258 8.45 11.18 8.42
N LYS A 259 7.30 11.49 9.03
CA LYS A 259 7.27 12.35 10.21
C LYS A 259 8.05 11.74 11.38
N ALA A 260 7.98 10.41 11.53
CA ALA A 260 8.70 9.72 12.60
C ALA A 260 10.21 9.79 12.44
N PHE A 261 10.72 10.18 11.26
CA PHE A 261 12.17 10.32 11.06
C PHE A 261 12.55 11.74 10.68
N SER A 262 11.70 12.73 10.97
CA SER A 262 11.95 14.09 10.55
C SER A 262 11.49 15.07 11.63
N THR A 263 12.11 16.24 11.64
CA THR A 263 11.69 17.29 12.54
C THR A 263 10.38 17.91 12.02
N PRO A 264 9.65 18.62 12.89
CA PRO A 264 8.42 19.28 12.42
C PRO A 264 8.62 20.17 11.21
N SER A 265 9.82 20.75 11.03
CA SER A 265 10.09 21.60 9.88
C SER A 265 10.05 20.79 8.59
N GLU A 266 10.88 19.75 8.50
CA GLU A 266 10.92 18.92 7.31
C GLU A 266 9.58 18.24 7.05
N THR A 267 8.82 17.93 8.12
CA THR A 267 7.52 17.31 7.96
C THR A 267 6.53 18.25 7.26
N ALA A 268 6.62 19.54 7.54
CA ALA A 268 5.74 20.53 6.90
C ALA A 268 6.16 20.81 5.46
N GLU A 269 7.47 20.86 5.19
CA GLU A 269 7.93 20.97 3.81
C GLU A 269 7.56 19.73 3.00
N PHE A 270 7.45 18.57 3.67
CA PHE A 270 7.05 17.34 3.02
C PHE A 270 5.56 17.33 2.69
N THR A 271 4.72 17.82 3.63
CA THR A 271 3.28 17.89 3.38
C THR A 271 2.93 18.90 2.29
N GLN A 272 3.75 19.95 2.10
CA GLN A 272 3.49 20.91 1.03
C GLN A 272 3.94 20.38 -0.32
N MET A 273 5.04 19.64 -0.37
CA MET A 273 5.45 19.00 -1.61
C MET A 273 4.35 18.07 -2.13
N LEU A 274 3.67 17.37 -1.21
CA LEU A 274 2.59 16.47 -1.62
C LEU A 274 1.40 17.22 -2.20
N ALA A 275 1.04 18.36 -1.62
CA ALA A 275 -0.12 19.13 -2.07
C ALA A 275 0.10 19.84 -3.42
N LEU A 278 3.37 16.11 -6.12
CA LEU A 278 4.59 15.31 -6.07
C LEU A 278 4.29 13.83 -6.29
N ALA A 279 5.25 13.10 -6.83
CA ALA A 279 5.05 11.71 -7.17
C ALA A 279 5.18 10.82 -5.94
N TRP A 280 4.35 9.78 -5.87
CA TRP A 280 4.50 8.77 -4.83
C TRP A 280 5.91 8.18 -4.85
N GLY A 281 6.39 7.79 -6.03
CA GLY A 281 7.70 7.19 -6.12
C GLY A 281 8.81 8.09 -5.59
N GLU A 282 8.67 9.41 -5.83
CA GLU A 282 9.65 10.35 -5.31
C GLU A 282 9.45 10.63 -3.82
N ALA A 283 8.19 10.64 -3.36
CA ALA A 283 7.95 10.72 -1.93
C ALA A 283 8.50 9.50 -1.20
N LYS A 284 8.48 8.33 -1.86
CA LYS A 284 9.07 7.14 -1.27
C LYS A 284 10.59 7.21 -1.28
N LYS A 285 11.19 7.88 -2.26
CA LYS A 285 12.62 8.10 -2.24
C LYS A 285 13.02 9.00 -1.08
N LEU A 286 12.28 10.11 -0.89
CA LEU A 286 12.58 11.02 0.20
C LEU A 286 12.39 10.35 1.56
N SER A 287 11.36 9.50 1.68
CA SER A 287 11.13 8.83 2.95
C SER A 287 12.26 7.86 3.29
N ALA A 288 12.68 7.05 2.29
CA ALA A 288 13.75 6.09 2.53
C ALA A 288 15.06 6.80 2.85
N ALA A 289 15.36 7.90 2.16
CA ALA A 289 16.59 8.64 2.45
C ALA A 289 16.62 9.10 3.90
N LYS A 290 15.49 9.60 4.41
CA LYS A 290 15.44 10.07 5.79
C LYS A 290 15.66 8.93 6.76
N ILE A 291 15.04 7.77 6.50
CA ILE A 291 15.24 6.61 7.36
C ILE A 291 16.71 6.18 7.33
N ASN A 292 17.25 6.02 6.11
CA ASN A 292 18.63 5.54 5.97
C ASN A 292 19.61 6.50 6.61
N ALA A 293 19.38 7.80 6.48
CA ALA A 293 20.27 8.79 7.09
C ALA A 293 20.30 8.63 8.61
N GLU A 294 19.13 8.48 9.25
CA GLU A 294 19.11 8.35 10.70
C GLU A 294 19.74 7.04 11.16
N LEU A 295 19.50 5.95 10.43
CA LEU A 295 19.94 4.64 10.89
C LEU A 295 21.38 4.31 10.49
N ALA A 296 22.02 5.14 9.68
CA ALA A 296 23.32 4.79 9.10
C ALA A 296 24.35 4.42 10.16
N GLU A 297 24.52 5.28 11.18
CA GLU A 297 25.55 5.00 12.19
C GLU A 297 25.14 3.82 13.07
N LEU A 298 23.86 3.73 13.42
CA LEU A 298 23.37 2.61 14.23
C LEU A 298 23.56 1.27 13.52
N ARG A 299 23.45 1.26 12.19
CA ARG A 299 23.57 0.03 11.42
C ARG A 299 24.99 -0.50 11.39
N GLU A 300 25.98 0.39 11.34
CA GLU A 300 27.36 -0.07 11.39
C GLU A 300 27.66 -0.73 12.74
N ARG A 301 27.17 -0.15 13.83
CA ARG A 301 27.35 -0.75 15.15
C ARG A 301 26.58 -2.05 15.28
N TYR A 302 25.37 -2.11 14.71
CA TYR A 302 24.63 -3.37 14.70
C TYR A 302 25.42 -4.45 13.95
N ASN A 303 25.90 -4.11 12.75
CA ASN A 303 26.62 -5.07 11.92
C ASN A 303 27.93 -5.49 12.57
N ALA A 304 28.59 -4.60 13.31
CA ALA A 304 29.80 -5.02 14.01
C ALA A 304 29.47 -5.97 15.16
N LEU A 305 28.38 -5.70 15.89
CA LEU A 305 28.00 -6.57 16.99
C LEU A 305 27.60 -7.95 16.48
N THR A 306 26.77 -8.02 15.44
CA THR A 306 26.29 -9.32 14.97
C THR A 306 27.39 -10.09 14.25
N SER A 307 28.36 -9.39 13.67
CA SER A 307 29.48 -10.07 13.06
C SER A 307 30.47 -10.62 14.08
N ASN A 308 30.36 -10.22 15.35
CA ASN A 308 31.14 -10.82 16.44
C ASN A 308 30.25 -10.95 17.65
N PRO A 309 29.31 -11.90 17.63
CA PRO A 309 28.32 -11.97 18.72
C PRO A 309 28.89 -12.25 20.10
N SER A 310 30.13 -12.74 20.22
CA SER A 310 30.71 -12.94 21.54
C SER A 310 30.94 -11.63 22.28
N GLN A 311 31.00 -10.49 21.59
CA GLN A 311 30.93 -9.20 22.28
C GLN A 311 29.60 -9.03 23.00
N ILE A 312 28.50 -9.54 22.42
CA ILE A 312 27.21 -9.39 23.05
C ILE A 312 27.10 -10.33 24.24
N GLU A 313 27.54 -11.58 24.05
CA GLU A 313 27.60 -12.54 25.16
C GLU A 313 28.31 -11.96 26.36
N GLU A 314 29.50 -11.37 26.14
CA GLU A 314 30.26 -10.82 27.25
C GLU A 314 29.47 -9.72 27.96
N ILE A 315 28.81 -8.86 27.20
CA ILE A 315 28.00 -7.80 27.81
C ILE A 315 26.87 -8.39 28.65
N LEU A 316 26.13 -9.36 28.08
CA LEU A 316 25.03 -9.98 28.81
C LEU A 316 25.52 -10.67 30.09
N GLN A 317 26.70 -11.30 30.02
CA GLN A 317 27.27 -11.96 31.20
C GLN A 317 27.64 -10.96 32.28
N ALA A 318 28.26 -9.84 31.90
CA ALA A 318 28.57 -8.81 32.88
C ALA A 318 27.29 -8.22 33.48
N GLY A 319 26.25 -8.04 32.66
CA GLY A 319 24.99 -7.53 33.19
C GLY A 319 24.30 -8.53 34.12
N ALA A 320 24.37 -9.82 33.79
CA ALA A 320 23.80 -10.85 34.66
C ALA A 320 24.50 -10.87 36.01
N GLN A 321 25.83 -10.77 36.01
CA GLN A 321 26.58 -10.76 37.26
C GLN A 321 26.15 -9.60 38.15
N LYS A 322 25.96 -8.41 37.57
CA LYS A 322 25.43 -7.29 38.35
C LYS A 322 24.03 -7.60 38.88
N ALA A 323 23.15 -8.11 38.03
CA ALA A 323 21.77 -8.32 38.44
C ALA A 323 21.68 -9.36 39.54
N ARG A 324 22.42 -10.45 39.41
CA ARG A 324 22.31 -11.53 40.38
C ARG A 324 22.81 -11.13 41.77
N LYS A 325 23.76 -10.17 41.86
CA LYS A 325 24.15 -9.71 43.19
C LYS A 325 22.96 -9.08 43.91
N GLU A 326 22.16 -8.27 43.20
CA GLU A 326 20.96 -7.67 43.78
C GLU A 326 19.88 -8.73 44.06
N ALA A 327 19.67 -9.65 43.14
CA ALA A 327 18.61 -10.62 43.29
C ALA A 327 18.91 -11.60 44.42
N ARG A 328 20.18 -11.96 44.60
CA ARG A 328 20.55 -12.84 45.69
C ARG A 328 20.25 -12.19 47.05
N GLU A 329 20.63 -10.92 47.23
CA GLU A 329 20.32 -10.21 48.48
C GLU A 329 18.85 -10.32 48.83
N LEU A 330 17.98 -9.97 47.90
CA LEU A 330 16.56 -9.99 48.21
C LEU A 330 16.05 -11.42 48.38
N LEU A 331 16.47 -12.34 47.49
CA LEU A 331 15.98 -13.72 47.57
C LEU A 331 16.29 -14.33 48.93
N ASP A 332 17.47 -14.02 49.48
CA ASP A 332 17.81 -14.48 50.82
C ASP A 332 16.82 -13.95 51.85
N LYS A 333 16.38 -12.69 51.69
CA LYS A 333 15.38 -12.19 52.66
C LYS A 333 14.05 -12.88 52.46
N VAL A 334 13.66 -13.13 51.20
CA VAL A 334 12.39 -13.79 50.90
C VAL A 334 12.41 -15.21 51.43
N ARG A 335 13.50 -15.93 51.20
CA ARG A 335 13.61 -17.31 51.71
C ARG A 335 13.47 -17.33 53.23
N ASP A 336 14.20 -16.45 53.91
CA ASP A 336 14.08 -16.38 55.36
C ASP A 336 12.65 -16.05 55.78
N ALA A 337 12.01 -15.12 55.06
CA ALA A 337 10.65 -14.70 55.44
C ALA A 337 9.61 -15.80 55.20
N VAL A 338 9.86 -16.73 54.28
CA VAL A 338 8.86 -17.79 54.06
C VAL A 338 9.21 -19.02 54.88
N GLY A 339 10.23 -18.90 55.72
CA GLY A 339 10.64 -19.95 56.63
C GLY A 339 11.65 -20.96 56.10
N ILE A 340 12.33 -20.67 54.99
CA ILE A 340 13.38 -21.54 54.48
C ILE A 340 14.71 -21.04 55.08
N ARG A 341 15.25 -21.77 56.05
CA ARG A 341 16.43 -21.29 56.75
C ARG A 341 17.28 -22.46 57.21
N PRO A 342 18.59 -22.26 57.41
CA PRO A 342 19.46 -23.39 57.76
C PRO A 342 19.13 -23.98 59.11
N LEU A 343 19.44 -25.27 59.27
CA LEU A 343 19.31 -25.94 60.55
C LEU A 343 20.55 -25.65 61.39
N LYS A 344 20.36 -25.03 62.55
CA LYS A 344 21.49 -24.64 63.39
C LYS A 344 21.12 -24.86 64.86
N SER B 10 -17.67 -8.68 -47.06
CA SER B 10 -16.52 -8.81 -46.18
C SER B 10 -16.60 -7.77 -45.05
N LYS B 11 -15.94 -8.04 -43.92
CA LYS B 11 -16.18 -7.30 -42.68
C LYS B 11 -14.97 -6.50 -42.21
N LYS B 12 -15.24 -5.27 -41.79
CA LYS B 12 -14.20 -4.36 -41.32
C LYS B 12 -13.83 -4.72 -39.89
N ARG B 13 -12.56 -4.99 -39.65
CA ARG B 13 -12.10 -5.31 -38.31
C ARG B 13 -11.63 -4.03 -37.62
N VAL B 14 -12.23 -3.71 -36.49
CA VAL B 14 -12.03 -2.46 -35.77
C VAL B 14 -11.38 -2.80 -34.44
N LEU B 15 -10.23 -2.19 -34.16
CA LEU B 15 -9.46 -2.52 -32.96
C LEU B 15 -9.18 -1.27 -32.13
N THR B 16 -9.41 -1.39 -30.82
CA THR B 16 -9.27 -0.29 -29.87
C THR B 16 -8.46 -0.77 -28.68
N GLY B 17 -7.51 0.04 -28.22
CA GLY B 17 -6.79 -0.21 -26.99
C GLY B 17 -7.19 0.82 -25.96
N VAL B 18 -7.36 0.40 -24.71
CA VAL B 18 -7.60 1.32 -23.60
C VAL B 18 -6.53 1.12 -22.53
N THR B 19 -6.16 2.22 -21.85
CA THR B 19 -5.10 2.14 -20.86
C THR B 19 -5.62 1.56 -19.55
N THR B 20 -4.69 1.11 -18.72
CA THR B 20 -4.99 0.62 -17.37
C THR B 20 -4.07 1.32 -16.36
N THR B 21 -4.21 2.65 -16.28
CA THR B 21 -3.45 3.44 -15.31
C THR B 21 -4.34 4.40 -14.54
N GLY B 22 -5.59 4.00 -14.31
CA GLY B 22 -6.48 4.81 -13.51
C GLY B 22 -7.90 4.32 -13.63
N THR B 23 -8.78 4.92 -12.84
CA THR B 23 -10.19 4.59 -12.86
C THR B 23 -10.91 5.54 -13.80
N PRO B 24 -11.64 5.05 -14.80
CA PRO B 24 -12.37 5.95 -15.70
C PRO B 24 -13.39 6.80 -14.93
N HIS B 25 -13.56 8.03 -15.40
CA HIS B 25 -14.48 8.96 -14.75
C HIS B 25 -15.59 9.35 -15.72
N LEU B 26 -16.42 10.30 -15.29
CA LEU B 26 -17.59 10.71 -16.07
C LEU B 26 -17.20 11.25 -17.43
N GLY B 27 -16.03 11.89 -17.54
CA GLY B 27 -15.57 12.37 -18.82
C GLY B 27 -15.20 11.26 -19.79
N ASN B 28 -14.53 10.22 -19.30
CA ASN B 28 -14.22 9.09 -20.18
C ASN B 28 -15.50 8.43 -20.67
N TYR B 29 -16.51 8.35 -19.81
CA TYR B 29 -17.78 7.74 -20.16
C TYR B 29 -18.48 8.52 -21.25
N VAL B 30 -18.49 9.85 -21.12
CA VAL B 30 -19.16 10.69 -22.12
C VAL B 30 -18.31 10.78 -23.39
N GLY B 31 -16.99 10.92 -23.23
CA GLY B 31 -16.13 11.11 -24.38
C GLY B 31 -15.77 9.85 -25.14
N ALA B 32 -15.58 8.73 -24.46
CA ALA B 32 -15.04 7.56 -25.16
C ALA B 32 -15.93 6.32 -25.05
N ILE B 33 -16.30 5.96 -23.82
CA ILE B 33 -16.88 4.65 -23.54
C ILE B 33 -18.31 4.54 -24.10
N ARG B 34 -19.20 5.45 -23.68
CA ARG B 34 -20.57 5.43 -24.19
C ARG B 34 -20.64 5.43 -25.72
N PRO B 35 -19.88 6.28 -26.46
CA PRO B 35 -19.88 6.13 -27.94
C PRO B 35 -19.30 4.80 -28.42
N ALA B 36 -18.23 4.30 -27.77
CA ALA B 36 -17.57 3.11 -28.27
C ALA B 36 -18.44 1.87 -28.08
N VAL B 37 -19.25 1.83 -27.02
CA VAL B 37 -20.17 0.69 -26.86
C VAL B 37 -21.26 0.74 -27.94
N ARG B 38 -21.68 1.93 -28.36
CA ARG B 38 -22.63 2.01 -29.47
C ARG B 38 -21.99 1.54 -30.77
N ALA B 39 -20.79 2.06 -31.08
CA ALA B 39 -20.15 1.74 -32.36
C ALA B 39 -19.86 0.25 -32.49
N ALA B 40 -19.49 -0.41 -31.39
CA ALA B 40 -19.21 -1.83 -31.39
C ALA B 40 -20.41 -2.71 -31.72
N GLN B 41 -21.64 -2.16 -31.71
CA GLN B 41 -22.82 -2.94 -32.05
C GLN B 41 -23.05 -3.08 -33.55
N ASN B 42 -22.29 -2.36 -34.36
CA ASN B 42 -22.40 -2.42 -35.80
C ASN B 42 -22.16 -3.85 -36.31
N PRO B 43 -23.15 -4.49 -36.95
CA PRO B 43 -22.93 -5.88 -37.40
C PRO B 43 -22.00 -5.99 -38.60
N ASP B 44 -21.71 -4.88 -39.29
CA ASP B 44 -20.76 -4.89 -40.39
C ASP B 44 -19.31 -4.87 -39.94
N THR B 45 -19.04 -4.70 -38.65
CA THR B 45 -17.68 -4.68 -38.13
C THR B 45 -17.45 -5.90 -37.25
N GLU B 46 -16.17 -6.24 -37.12
CA GLU B 46 -15.70 -7.18 -36.11
C GLU B 46 -14.87 -6.38 -35.12
N SER B 47 -15.38 -6.19 -33.92
CA SER B 47 -14.72 -5.32 -32.95
C SER B 47 -13.77 -6.10 -32.05
N PHE B 48 -12.63 -5.49 -31.79
CA PHE B 48 -11.62 -5.97 -30.87
C PHE B 48 -11.32 -4.83 -29.91
N LEU B 49 -11.26 -5.14 -28.61
CA LEU B 49 -10.89 -4.14 -27.62
C LEU B 49 -9.94 -4.79 -26.62
N PHE B 50 -8.80 -4.16 -26.36
CA PHE B 50 -7.87 -4.75 -25.41
C PHE B 50 -7.49 -3.78 -24.31
N LEU B 51 -7.26 -4.33 -23.13
CA LEU B 51 -6.68 -3.59 -22.03
C LEU B 51 -5.17 -3.57 -22.22
N ALA B 52 -4.60 -2.38 -22.40
CA ALA B 52 -3.16 -2.26 -22.63
C ALA B 52 -2.38 -2.30 -21.31
N ASP B 53 -2.46 -3.44 -20.60
CA ASP B 53 -1.82 -3.45 -19.28
C ASP B 53 -0.29 -3.49 -19.36
N TYR B 54 0.30 -4.01 -20.45
CA TYR B 54 1.77 -3.97 -20.55
C TYR B 54 2.29 -2.60 -20.96
N HIS B 55 1.50 -1.79 -21.69
CA HIS B 55 1.88 -0.38 -21.82
C HIS B 55 1.89 0.31 -20.46
N GLY B 56 1.10 -0.20 -19.50
CA GLY B 56 0.95 0.45 -18.22
C GLY B 56 2.21 0.54 -17.39
N ILE B 57 3.21 -0.31 -17.65
CA ILE B 57 4.46 -0.30 -16.89
C ILE B 57 5.55 0.55 -17.55
N ILE B 58 5.22 1.29 -18.62
CA ILE B 58 6.20 2.23 -19.16
C ILE B 58 6.56 3.30 -18.12
N LYS B 59 5.60 3.68 -17.27
CA LYS B 59 5.81 4.73 -16.28
C LYS B 59 5.33 4.29 -14.89
N CYS B 60 4.07 3.84 -14.80
CA CYS B 60 3.35 3.64 -13.54
C CYS B 60 4.03 2.55 -12.71
N HIS B 61 4.76 2.98 -11.67
CA HIS B 61 5.61 2.09 -10.91
C HIS B 61 4.95 1.49 -9.67
N GLU B 62 3.76 1.97 -9.27
CA GLU B 62 3.05 1.37 -8.13
C GLU B 62 2.35 0.10 -8.61
N GLN B 63 2.88 -1.07 -8.20
CA GLN B 63 2.47 -2.34 -8.81
C GLN B 63 1.00 -2.63 -8.59
N GLU B 64 0.43 -2.21 -7.45
CA GLU B 64 -0.99 -2.42 -7.20
C GLU B 64 -1.88 -1.59 -8.14
N MET B 65 -1.33 -0.57 -8.81
CA MET B 65 -2.16 0.29 -9.65
C MET B 65 -2.58 -0.41 -10.94
N ILE B 66 -1.65 -1.10 -11.60
CA ILE B 66 -2.02 -1.83 -12.80
C ILE B 66 -3.17 -2.80 -12.51
N HIS B 67 -3.09 -3.52 -11.37
CA HIS B 67 -4.08 -4.55 -11.07
C HIS B 67 -5.45 -3.93 -10.74
N GLN B 68 -5.48 -2.96 -9.82
CA GLN B 68 -6.75 -2.29 -9.49
C GLN B 68 -7.32 -1.57 -10.71
N SER B 69 -6.46 -0.91 -11.50
CA SER B 69 -6.96 -0.22 -12.67
C SER B 69 -7.48 -1.21 -13.72
N THR B 70 -6.84 -2.36 -13.86
CA THR B 70 -7.32 -3.34 -14.83
C THR B 70 -8.73 -3.81 -14.46
N GLN B 71 -8.97 -4.06 -13.18
CA GLN B 71 -10.30 -4.47 -12.76
C GLN B 71 -11.31 -3.37 -13.03
N ALA B 72 -10.99 -2.14 -12.62
CA ALA B 72 -11.91 -1.01 -12.79
C ALA B 72 -12.26 -0.79 -14.25
N VAL B 73 -11.26 -0.87 -15.13
CA VAL B 73 -11.46 -0.60 -16.56
C VAL B 73 -12.25 -1.73 -17.22
N ALA B 74 -11.92 -2.99 -16.87
CA ALA B 74 -12.65 -4.11 -17.46
C ALA B 74 -14.12 -4.08 -17.03
N ALA B 75 -14.36 -3.91 -15.73
CA ALA B 75 -15.73 -3.80 -15.23
C ALA B 75 -16.43 -2.53 -15.73
N THR B 76 -15.70 -1.46 -15.97
CA THR B 76 -16.32 -0.26 -16.52
C THR B 76 -16.92 -0.56 -17.89
N TRP B 77 -16.11 -1.14 -18.78
CA TRP B 77 -16.57 -1.41 -20.14
C TRP B 77 -17.69 -2.45 -20.15
N LEU B 78 -17.55 -3.52 -19.36
CA LEU B 78 -18.60 -4.52 -19.24
C LEU B 78 -19.89 -3.89 -18.71
N ALA B 79 -19.81 -3.15 -17.60
CA ALA B 79 -21.00 -2.53 -17.01
C ALA B 79 -21.67 -1.55 -17.96
N CYS B 80 -20.90 -0.88 -18.81
CA CYS B 80 -21.52 0.04 -19.76
C CYS B 80 -22.09 -0.67 -20.99
N GLY B 81 -22.02 -2.01 -21.06
CA GLY B 81 -22.68 -2.75 -22.11
C GLY B 81 -21.80 -3.33 -23.20
N LEU B 82 -20.47 -3.28 -23.05
CA LEU B 82 -19.60 -3.99 -23.97
C LEU B 82 -19.90 -5.48 -23.94
N ASP B 83 -20.26 -6.04 -25.10
CA ASP B 83 -20.70 -7.42 -25.14
C ASP B 83 -19.53 -8.32 -25.55
N PRO B 84 -19.04 -9.19 -24.67
CA PRO B 84 -17.93 -10.08 -25.07
C PRO B 84 -18.35 -11.21 -26.00
N GLU B 85 -19.64 -11.38 -26.29
CA GLU B 85 -20.04 -12.26 -27.38
C GLU B 85 -19.82 -11.60 -28.73
N ARG B 86 -19.95 -10.29 -28.78
CA ARG B 86 -19.76 -9.49 -29.99
C ARG B 86 -18.31 -9.02 -30.11
N THR B 87 -17.74 -8.49 -29.04
CA THR B 87 -16.41 -7.89 -29.04
C THR B 87 -15.38 -8.86 -28.47
N THR B 88 -14.30 -9.10 -29.22
CA THR B 88 -13.19 -9.87 -28.65
C THR B 88 -12.45 -8.96 -27.67
N PHE B 89 -12.45 -9.36 -26.39
CA PHE B 89 -12.15 -8.47 -25.27
C PHE B 89 -11.13 -9.15 -24.38
N TYR B 90 -9.95 -8.56 -24.25
CA TYR B 90 -8.83 -9.31 -23.69
C TYR B 90 -7.79 -8.36 -23.11
N ARG B 91 -6.95 -8.93 -22.26
CA ARG B 91 -5.75 -8.26 -21.75
C ARG B 91 -4.58 -8.44 -22.71
N GLN B 92 -3.89 -7.33 -23.01
CA GLN B 92 -2.65 -7.41 -23.77
C GLN B 92 -1.70 -8.45 -23.19
N SER B 93 -1.58 -8.49 -21.85
CA SER B 93 -0.65 -9.42 -21.19
C SER B 93 -1.04 -10.88 -21.33
N ASP B 94 -2.17 -11.18 -21.96
CA ASP B 94 -2.63 -12.54 -22.17
C ASP B 94 -2.35 -13.03 -23.58
N ILE B 95 -1.73 -12.20 -24.42
CA ILE B 95 -1.43 -12.53 -25.81
C ILE B 95 0.09 -12.62 -26.00
N PRO B 96 0.73 -13.75 -25.68
CA PRO B 96 2.19 -13.80 -25.87
C PRO B 96 2.63 -13.61 -27.32
N GLU B 97 1.74 -13.87 -28.28
CA GLU B 97 2.11 -13.70 -29.68
C GLU B 97 2.46 -12.27 -30.00
N VAL B 98 1.82 -11.31 -29.33
CA VAL B 98 2.10 -9.89 -29.61
C VAL B 98 3.54 -9.55 -29.25
N MET B 99 4.07 -10.17 -28.19
CA MET B 99 5.43 -9.91 -27.74
C MET B 99 6.47 -10.46 -28.70
N GLU B 100 6.18 -11.60 -29.33
CA GLU B 100 7.09 -12.10 -30.36
C GLU B 100 7.06 -11.20 -31.58
N LEU B 101 5.86 -10.75 -31.98
CA LEU B 101 5.75 -9.85 -33.12
C LEU B 101 6.43 -8.51 -32.82
N ASN B 102 6.30 -8.04 -31.57
CA ASN B 102 7.02 -6.84 -31.13
C ASN B 102 8.49 -6.87 -31.54
N TRP B 103 9.17 -8.00 -31.31
CA TRP B 103 10.58 -8.06 -31.65
C TRP B 103 10.79 -8.14 -33.16
N ILE B 104 9.93 -8.91 -33.86
CA ILE B 104 10.05 -9.02 -35.30
C ILE B 104 9.92 -7.65 -35.96
N LEU B 105 8.96 -6.85 -35.50
CA LEU B 105 8.76 -5.51 -36.04
C LEU B 105 9.89 -4.58 -35.66
N THR B 106 10.39 -4.71 -34.43
CA THR B 106 11.57 -3.95 -34.01
C THR B 106 12.69 -4.05 -35.04
N CYS B 107 12.90 -5.26 -35.59
CA CYS B 107 14.03 -5.47 -36.49
C CYS B 107 13.85 -4.77 -37.84
N ILE B 108 12.63 -4.41 -38.23
CA ILE B 108 12.44 -3.72 -39.50
C ILE B 108 11.98 -2.27 -39.29
N THR B 109 12.05 -1.77 -38.05
CA THR B 109 11.67 -0.39 -37.76
C THR B 109 12.92 0.49 -37.74
N ALA B 110 12.89 1.59 -38.51
CA ALA B 110 14.00 2.53 -38.49
C ALA B 110 14.04 3.28 -37.16
N LYS B 111 15.25 3.44 -36.60
CA LYS B 111 15.40 4.20 -35.37
C LYS B 111 14.89 5.62 -35.55
N GLY B 112 15.13 6.20 -36.74
CA GLY B 112 14.59 7.51 -37.05
C GLY B 112 13.10 7.65 -36.75
N LEU B 113 12.33 6.60 -37.01
CA LEU B 113 10.90 6.66 -36.70
C LEU B 113 10.66 6.83 -35.19
N MET B 114 11.47 6.17 -34.36
CA MET B 114 11.30 6.32 -32.92
C MET B 114 11.83 7.68 -32.44
N ASN B 115 12.92 8.14 -33.04
CA ASN B 115 13.43 9.47 -32.71
C ASN B 115 12.36 10.54 -32.86
N ARG B 116 11.44 10.36 -33.81
CA ARG B 116 10.47 11.39 -34.16
C ARG B 116 9.14 11.24 -33.45
N ALA B 117 8.96 10.17 -32.66
CA ALA B 117 7.68 9.93 -32.01
C ALA B 117 7.40 11.00 -30.95
N HIS B 118 6.11 11.34 -30.82
CA HIS B 118 5.75 12.53 -30.05
CA HIS B 118 5.69 12.51 -30.04
C HIS B 118 6.09 12.41 -28.57
N ALA B 119 5.91 11.23 -27.97
CA ALA B 119 6.15 11.11 -26.53
C ALA B 119 7.62 11.28 -26.20
N TYR B 120 8.49 10.64 -26.98
CA TYR B 120 9.94 10.80 -26.79
C TYR B 120 10.37 12.24 -27.01
N LYS B 121 9.88 12.87 -28.07
CA LYS B 121 10.24 14.27 -28.34
C LYS B 121 9.77 15.18 -27.22
N ALA B 122 8.58 14.91 -26.67
CA ALA B 122 8.10 15.72 -25.55
C ALA B 122 9.04 15.58 -24.34
N ALA B 123 9.54 14.35 -24.09
CA ALA B 123 10.46 14.15 -22.98
C ALA B 123 11.79 14.84 -23.23
N VAL B 124 12.29 14.80 -24.46
CA VAL B 124 13.53 15.48 -24.80
C VAL B 124 13.37 16.99 -24.64
N GLN B 125 12.19 17.52 -24.96
CA GLN B 125 11.95 18.95 -24.80
C GLN B 125 11.81 19.33 -23.33
N ALA B 126 11.21 18.46 -22.51
CA ALA B 126 11.08 18.74 -21.08
C ALA B 126 12.45 18.90 -20.43
N ASN B 127 13.42 18.08 -20.86
CA ASN B 127 14.76 18.20 -20.31
C ASN B 127 15.43 19.51 -20.73
N ALA B 128 15.27 19.89 -22.00
CA ALA B 128 15.82 21.17 -22.45
C ALA B 128 15.17 22.34 -21.70
N GLU B 129 13.85 22.30 -21.52
CA GLU B 129 13.17 23.35 -20.77
C GLU B 129 13.64 23.40 -19.32
N ASN B 130 13.81 22.23 -18.70
CA ASN B 130 14.30 22.20 -17.32
C ASN B 130 15.78 22.52 -17.22
N GLY B 131 16.45 22.81 -18.33
CA GLY B 131 17.87 23.07 -18.30
C GLY B 131 18.71 21.84 -18.13
N GLN B 132 18.17 20.67 -18.48
CA GLN B 132 18.92 19.43 -18.41
C GLN B 132 19.63 19.21 -19.75
N GLU B 133 20.96 19.08 -19.69
CA GLU B 133 21.78 19.06 -20.89
C GLU B 133 21.99 17.66 -21.45
N ASP B 134 21.53 16.61 -20.75
CA ASP B 134 21.43 15.28 -21.31
C ASP B 134 20.04 15.12 -21.94
N PRO B 135 19.91 15.03 -23.26
CA PRO B 135 18.57 14.95 -23.85
C PRO B 135 17.82 13.74 -23.37
N ASP B 136 18.53 12.66 -23.05
CA ASP B 136 17.91 11.40 -22.64
C ASP B 136 17.91 11.22 -21.13
N PHE B 137 18.01 12.31 -20.36
CA PHE B 137 17.89 12.24 -18.92
C PHE B 137 16.54 11.65 -18.51
N GLY B 138 16.59 10.61 -17.69
CA GLY B 138 15.38 9.96 -17.19
C GLY B 138 14.53 9.26 -18.24
N VAL B 139 15.03 9.13 -19.46
CA VAL B 139 14.30 8.46 -20.53
C VAL B 139 14.59 6.97 -20.46
N GLU B 140 13.55 6.17 -20.26
CA GLU B 140 13.71 4.74 -20.31
C GLU B 140 13.16 4.21 -21.63
N MET B 141 13.64 3.03 -22.02
CA MET B 141 13.38 2.49 -23.36
C MET B 141 11.90 2.20 -23.62
N GLY B 142 11.10 2.01 -22.57
CA GLY B 142 9.67 1.84 -22.78
C GLY B 142 9.04 3.05 -23.43
N LEU B 143 9.45 4.24 -23.00
CA LEU B 143 8.94 5.45 -23.64
C LEU B 143 9.38 5.52 -25.10
N PHE B 144 10.63 5.11 -25.37
CA PHE B 144 11.18 5.22 -26.70
C PHE B 144 10.57 4.18 -27.64
N SER B 145 10.27 2.98 -27.13
CA SER B 145 9.93 1.85 -27.98
C SER B 145 8.47 1.45 -27.97
N TYR B 146 7.65 1.96 -27.05
CA TYR B 146 6.25 1.54 -27.01
C TYR B 146 5.49 1.72 -28.32
N PRO B 147 5.85 2.66 -29.23
CA PRO B 147 5.09 2.70 -30.51
C PRO B 147 5.26 1.44 -31.35
N ILE B 148 6.42 0.78 -31.26
CA ILE B 148 6.55 -0.50 -31.94
C ILE B 148 5.65 -1.54 -31.27
N LEU B 149 5.55 -1.49 -29.94
CA LEU B 149 4.66 -2.45 -29.27
C LEU B 149 3.20 -2.17 -29.61
N MET B 150 2.80 -0.91 -29.61
CA MET B 150 1.45 -0.56 -30.03
C MET B 150 1.19 -1.00 -31.47
N THR B 151 2.19 -0.89 -32.33
CA THR B 151 2.04 -1.36 -33.71
C THR B 151 1.75 -2.86 -33.75
N ALA B 152 2.49 -3.64 -32.95
CA ALA B 152 2.24 -5.07 -32.81
C ALA B 152 0.81 -5.34 -32.34
N ASP B 153 0.32 -4.56 -31.37
CA ASP B 153 -1.04 -4.74 -30.85
C ASP B 153 -2.06 -4.66 -31.98
N ILE B 154 -1.80 -3.78 -32.95
CA ILE B 154 -2.71 -3.56 -34.06
C ILE B 154 -2.50 -4.61 -35.15
N LEU B 155 -1.27 -4.75 -35.62
CA LEU B 155 -0.97 -5.60 -36.77
C LEU B 155 -1.17 -7.09 -36.47
N MET B 156 -1.02 -7.49 -35.21
CA MET B 156 -1.21 -8.90 -34.86
C MET B 156 -2.59 -9.39 -35.25
N PHE B 157 -3.57 -8.49 -35.31
CA PHE B 157 -4.94 -8.82 -35.64
C PHE B 157 -5.36 -8.23 -36.97
N ASN B 158 -4.40 -7.68 -37.73
CA ASN B 158 -4.67 -7.08 -39.05
C ASN B 158 -5.91 -6.20 -39.02
N ALA B 159 -5.99 -5.34 -38.01
CA ALA B 159 -7.10 -4.39 -37.93
C ALA B 159 -7.22 -3.58 -39.21
N ASN B 160 -8.47 -3.31 -39.61
CA ASN B 160 -8.74 -2.40 -40.72
C ASN B 160 -8.83 -0.96 -40.24
N GLU B 161 -9.45 -0.75 -39.07
CA GLU B 161 -9.65 0.56 -38.47
C GLU B 161 -9.21 0.51 -37.02
N VAL B 162 -8.67 1.64 -36.56
CA VAL B 162 -8.22 1.83 -35.19
C VAL B 162 -8.83 3.14 -34.72
N PRO B 163 -9.94 3.13 -33.98
CA PRO B 163 -10.48 4.40 -33.48
C PRO B 163 -9.47 5.05 -32.55
N VAL B 164 -9.09 6.29 -32.89
CA VAL B 164 -8.21 7.09 -32.05
C VAL B 164 -8.78 8.49 -31.96
N GLY B 165 -8.28 9.26 -30.99
CA GLY B 165 -8.50 10.67 -30.99
C GLY B 165 -7.58 11.37 -31.98
N ARG B 166 -7.96 12.57 -32.39
CA ARG B 166 -7.12 13.33 -33.33
C ARG B 166 -5.70 13.46 -32.82
N ASP B 167 -5.51 13.40 -31.48
CA ASP B 167 -4.19 13.41 -30.87
C ASP B 167 -3.29 12.28 -31.33
N GLN B 168 -3.85 11.08 -31.45
CA GLN B 168 -3.07 9.86 -31.54
C GLN B 168 -2.94 9.36 -32.97
N ILE B 169 -3.23 10.21 -33.96
CA ILE B 169 -3.11 9.80 -35.35
C ILE B 169 -1.69 9.28 -35.65
N GLN B 170 -0.67 9.89 -35.01
CA GLN B 170 0.70 9.44 -35.31
C GLN B 170 0.90 7.97 -34.95
N HIS B 171 0.14 7.46 -33.97
CA HIS B 171 0.23 6.05 -33.62
C HIS B 171 -0.17 5.16 -34.79
N VAL B 172 -1.25 5.51 -35.49
CA VAL B 172 -1.69 4.71 -36.63
C VAL B 172 -0.71 4.85 -37.79
N GLU B 173 -0.25 6.07 -38.05
CA GLU B 173 0.72 6.28 -39.12
C GLU B 173 1.99 5.47 -38.91
N MET B 174 2.49 5.41 -37.68
CA MET B 174 3.67 4.60 -37.43
C MET B 174 3.39 3.11 -37.67
N ALA B 175 2.19 2.65 -37.34
CA ALA B 175 1.82 1.26 -37.64
C ALA B 175 1.75 1.02 -39.14
N ARG B 176 1.20 1.97 -39.89
CA ARG B 176 1.17 1.86 -41.34
C ARG B 176 2.58 1.84 -41.93
N ASP B 177 3.46 2.71 -41.42
CA ASP B 177 4.86 2.72 -41.85
C ASP B 177 5.54 1.40 -41.54
N ILE B 178 5.40 0.92 -40.30
CA ILE B 178 6.02 -0.34 -39.91
C ILE B 178 5.42 -1.50 -40.71
N ALA B 179 4.09 -1.52 -40.86
CA ALA B 179 3.47 -2.57 -41.66
C ALA B 179 4.03 -2.60 -43.07
N GLY B 180 4.17 -1.42 -43.69
CA GLY B 180 4.67 -1.38 -45.05
C GLY B 180 6.10 -1.86 -45.15
N ARG B 181 6.94 -1.46 -44.21
CA ARG B 181 8.34 -1.88 -44.20
C ARG B 181 8.47 -3.39 -44.02
N PHE B 182 7.58 -4.00 -43.23
CA PHE B 182 7.59 -5.46 -43.13
C PHE B 182 7.16 -6.07 -44.46
N ASN B 183 6.08 -5.56 -45.04
CA ASN B 183 5.53 -6.16 -46.24
C ASN B 183 6.53 -6.17 -47.39
N HIS B 184 7.44 -5.20 -47.41
CA HIS B 184 8.37 -5.13 -48.53
C HIS B 184 9.60 -6.00 -48.31
N ARG B 185 10.08 -6.10 -47.06
CA ARG B 185 11.27 -6.91 -46.81
CA ARG B 185 11.27 -6.91 -46.79
C ARG B 185 10.94 -8.41 -46.79
N PHE B 186 9.76 -8.79 -46.29
CA PHE B 186 9.41 -10.19 -46.15
C PHE B 186 8.28 -10.53 -47.11
N GLN B 187 7.04 -10.64 -46.66
CA GLN B 187 5.89 -10.83 -47.53
C GLN B 187 4.78 -9.89 -47.09
N GLU B 188 3.88 -9.58 -48.02
CA GLU B 188 2.79 -8.63 -47.78
C GLU B 188 1.72 -9.34 -46.96
N LEU B 189 1.93 -9.37 -45.64
CA LEU B 189 1.03 -10.04 -44.72
C LEU B 189 0.18 -9.10 -43.88
N PHE B 190 0.50 -7.81 -43.84
CA PHE B 190 -0.17 -6.87 -42.95
C PHE B 190 -1.06 -5.89 -43.71
N THR B 191 -2.32 -5.83 -43.30
CA THR B 191 -3.20 -4.76 -43.73
C THR B 191 -2.72 -3.45 -43.12
N LEU B 192 -2.73 -2.39 -43.91
CA LEU B 192 -2.39 -1.07 -43.39
C LEU B 192 -3.59 -0.56 -42.60
N PRO B 193 -3.46 -0.35 -41.28
CA PRO B 193 -4.62 0.11 -40.50
C PRO B 193 -4.96 1.54 -40.85
N GLU B 194 -6.21 1.91 -40.66
CA GLU B 194 -6.67 3.25 -40.95
C GLU B 194 -7.23 3.93 -39.71
N VAL B 195 -7.02 5.24 -39.65
CA VAL B 195 -7.55 6.06 -38.58
C VAL B 195 -9.08 6.01 -38.58
N LYS B 196 -9.67 5.93 -37.40
CA LYS B 196 -11.10 6.17 -37.25
C LYS B 196 -11.30 7.23 -36.16
N ILE B 197 -11.83 8.38 -36.55
CA ILE B 197 -12.00 9.52 -35.66
C ILE B 197 -13.49 9.70 -35.38
N ASP B 198 -13.84 9.79 -34.10
CA ASP B 198 -15.21 10.05 -33.71
C ASP B 198 -15.57 11.47 -34.10
N GLU B 199 -16.49 11.61 -35.06
CA GLU B 199 -16.82 12.92 -35.60
C GLU B 199 -17.56 13.79 -34.59
N ASN B 200 -18.27 13.17 -33.64
CA ASN B 200 -19.12 13.88 -32.70
C ASN B 200 -18.63 13.77 -31.26
N VAL B 201 -17.32 13.72 -31.04
CA VAL B 201 -16.82 13.57 -29.68
C VAL B 201 -17.00 14.88 -28.92
N GLU B 202 -17.46 14.78 -27.67
CA GLU B 202 -17.67 15.93 -26.79
C GLU B 202 -16.76 15.76 -25.59
N LEU B 203 -15.73 16.61 -25.49
CA LEU B 203 -14.83 16.61 -24.34
C LEU B 203 -15.54 17.32 -23.19
N LEU B 204 -15.90 16.55 -22.16
CA LEU B 204 -16.81 17.03 -21.11
C LEU B 204 -16.13 18.04 -20.20
N VAL B 205 -16.89 19.07 -19.81
CA VAL B 205 -16.38 20.09 -18.90
C VAL B 205 -16.31 19.54 -17.48
N GLY B 206 -15.32 20.00 -16.72
CA GLY B 206 -15.14 19.56 -15.36
C GLY B 206 -15.77 20.50 -14.36
N LEU B 207 -15.53 20.21 -13.07
CA LEU B 207 -16.21 20.92 -11.98
C LEU B 207 -15.85 22.40 -11.94
N ASP B 208 -14.65 22.75 -12.42
CA ASP B 208 -14.09 24.10 -12.31
C ASP B 208 -14.15 24.89 -13.62
N GLY B 209 -14.85 24.38 -14.63
CA GLY B 209 -14.92 25.05 -15.92
C GLY B 209 -13.91 24.60 -16.95
N ARG B 210 -12.76 24.08 -16.51
CA ARG B 210 -11.83 23.47 -17.43
C ARG B 210 -12.38 22.12 -17.91
N LYS B 211 -11.77 21.60 -18.98
CA LYS B 211 -12.11 20.26 -19.45
C LYS B 211 -11.87 19.23 -18.34
N MET B 212 -12.77 18.27 -18.21
CA MET B 212 -12.66 17.29 -17.14
C MET B 212 -11.44 16.42 -17.38
N SER B 213 -10.53 16.38 -16.39
CA SER B 213 -9.25 15.67 -16.54
C SER B 213 -8.71 15.28 -15.18
N LYS B 214 -8.24 14.03 -15.05
CA LYS B 214 -7.68 13.56 -13.78
C LYS B 214 -6.57 14.49 -13.28
N SER B 215 -5.79 15.06 -14.19
CA SER B 215 -4.70 15.95 -13.77
C SER B 215 -5.21 17.31 -13.29
N TYR B 216 -6.44 17.69 -13.63
CA TYR B 216 -7.00 18.98 -13.20
C TYR B 216 -7.69 18.92 -11.84
N GLY B 217 -7.87 17.73 -11.27
CA GLY B 217 -8.59 17.61 -10.02
C GLY B 217 -10.06 17.96 -10.09
N ASN B 218 -10.67 17.87 -11.27
CA ASN B 218 -12.02 18.37 -11.49
C ASN B 218 -12.94 17.29 -12.04
N THR B 219 -12.70 16.02 -11.72
CA THR B 219 -13.51 14.95 -12.28
C THR B 219 -14.73 14.64 -11.40
N ILE B 220 -15.70 13.98 -12.01
CA ILE B 220 -16.86 13.41 -11.33
C ILE B 220 -16.74 11.90 -11.41
N PRO B 221 -16.72 11.18 -10.29
CA PRO B 221 -16.59 9.72 -10.35
C PRO B 221 -17.76 9.08 -11.07
N LEU B 222 -17.45 7.98 -11.74
CA LEU B 222 -18.45 7.27 -12.52
C LEU B 222 -19.24 6.27 -11.67
N TRP B 223 -18.63 5.65 -10.66
CA TRP B 223 -19.23 4.48 -10.02
C TRP B 223 -19.51 4.67 -8.53
N GLU B 224 -19.70 5.90 -8.06
CA GLU B 224 -20.11 6.07 -6.67
C GLU B 224 -21.62 6.02 -6.56
N ASN B 225 -22.12 5.90 -5.34
CA ASN B 225 -23.56 5.84 -5.14
C ASN B 225 -24.21 7.23 -5.38
N ASP B 226 -25.54 7.25 -5.30
CA ASP B 226 -26.32 8.46 -5.56
C ASP B 226 -25.87 9.63 -4.72
N LYS B 227 -25.73 9.43 -3.40
CA LYS B 227 -25.38 10.55 -2.52
C LYS B 227 -23.97 11.07 -2.81
N LYS B 228 -23.01 10.16 -3.06
CA LYS B 228 -21.66 10.60 -3.36
C LYS B 228 -21.63 11.37 -4.69
N THR B 229 -22.44 10.94 -5.65
CA THR B 229 -22.52 11.65 -6.92
C THR B 229 -23.14 13.03 -6.73
N GLN B 230 -24.18 13.11 -5.88
CA GLN B 230 -24.73 14.41 -5.50
C GLN B 230 -23.63 15.32 -4.95
N LYS B 231 -22.78 14.79 -4.07
CA LYS B 231 -21.73 15.60 -3.45
C LYS B 231 -20.73 16.13 -4.47
N SER B 232 -20.31 15.28 -5.42
CA SER B 232 -19.41 15.73 -6.49
C SER B 232 -20.05 16.83 -7.34
N VAL B 233 -21.30 16.60 -7.76
CA VAL B 233 -21.98 17.59 -8.58
C VAL B 233 -22.12 18.90 -7.82
N ASN B 234 -22.33 18.82 -6.50
CA ASN B 234 -22.47 20.02 -5.68
C ASN B 234 -21.22 20.89 -5.70
N LYS B 235 -20.07 20.34 -6.09
CA LYS B 235 -18.86 21.12 -6.21
C LYS B 235 -18.80 21.96 -7.48
N ILE B 236 -19.70 21.75 -8.45
CA ILE B 236 -19.61 22.46 -9.72
C ILE B 236 -19.72 23.96 -9.47
N ILE B 237 -18.87 24.75 -10.14
CA ILE B 237 -18.89 26.18 -9.87
C ILE B 237 -20.15 26.80 -10.45
N THR B 238 -20.72 27.75 -9.72
CA THR B 238 -21.83 28.54 -10.22
C THR B 238 -21.51 30.02 -10.04
N ASN B 239 -22.35 30.75 -9.32
CA ASN B 239 -22.10 32.13 -8.94
C ASN B 239 -23.07 32.48 -7.82
N MET B 240 -23.09 33.76 -7.44
CA MET B 240 -23.83 34.24 -6.27
C MET B 240 -25.28 34.62 -6.58
N LYS B 241 -25.78 34.33 -7.78
CA LYS B 241 -27.15 34.68 -8.10
C LYS B 241 -28.10 33.88 -7.21
N GLU B 242 -29.04 34.58 -6.59
CA GLU B 242 -29.91 33.99 -5.59
C GLU B 242 -31.04 33.21 -6.27
N PRO B 243 -31.82 32.45 -5.49
CA PRO B 243 -33.06 31.86 -6.04
C PRO B 243 -33.98 32.95 -6.60
N GLY B 244 -34.49 32.71 -7.80
CA GLY B 244 -35.35 33.65 -8.47
C GLY B 244 -34.63 34.52 -9.48
N GLU B 245 -33.32 34.58 -9.41
CA GLU B 245 -32.55 35.39 -10.33
C GLU B 245 -32.34 34.63 -11.64
N PRO B 246 -32.69 35.23 -12.78
CA PRO B 246 -32.53 34.52 -14.07
C PRO B 246 -31.08 34.21 -14.35
N LYS B 247 -30.84 33.00 -14.86
CA LYS B 247 -29.50 32.48 -15.10
C LYS B 247 -29.40 31.96 -16.53
N GLN B 248 -28.36 32.37 -17.24
CA GLN B 248 -28.10 31.96 -18.61
C GLN B 248 -27.20 30.74 -18.63
N PRO B 249 -27.25 29.96 -19.73
CA PRO B 249 -26.55 28.66 -19.72
C PRO B 249 -25.04 28.74 -19.59
N ASP B 250 -24.43 29.85 -20.00
CA ASP B 250 -22.98 30.03 -19.98
C ASP B 250 -22.43 30.41 -18.61
N GLU B 251 -23.27 30.51 -17.58
CA GLU B 251 -22.81 30.93 -16.26
C GLU B 251 -22.20 29.79 -15.45
N SER B 252 -22.49 28.54 -15.82
CA SER B 252 -21.98 27.40 -15.06
C SER B 252 -21.73 26.18 -15.94
N PRO B 253 -20.65 25.45 -15.69
CA PRO B 253 -20.46 24.14 -16.36
C PRO B 253 -21.63 23.18 -16.16
N LEU B 254 -22.42 23.42 -15.10
CA LEU B 254 -23.62 22.64 -14.82
C LEU B 254 -24.50 22.44 -16.05
N PHE B 255 -24.67 23.47 -16.88
CA PHE B 255 -25.52 23.32 -18.05
C PHE B 255 -24.99 22.24 -18.99
N GLU B 256 -23.71 22.34 -19.36
CA GLU B 256 -23.08 21.33 -20.19
C GLU B 256 -23.18 19.94 -19.58
N ILE B 257 -22.97 19.83 -18.27
CA ILE B 257 -23.07 18.53 -17.60
CA ILE B 257 -23.05 18.52 -17.62
C ILE B 257 -24.47 17.95 -17.75
N TYR B 258 -25.49 18.78 -17.46
CA TYR B 258 -26.87 18.33 -17.66
C TYR B 258 -27.10 17.91 -19.11
N LYS B 259 -26.57 18.70 -20.05
CA LYS B 259 -26.78 18.39 -21.47
C LYS B 259 -26.24 17.00 -21.83
N ALA B 260 -25.10 16.61 -21.24
CA ALA B 260 -24.50 15.33 -21.58
C ALA B 260 -25.34 14.13 -21.16
N PHE B 261 -26.31 14.32 -20.26
CA PHE B 261 -27.10 13.22 -19.70
C PHE B 261 -28.59 13.41 -19.93
N SER B 262 -28.97 14.11 -20.99
CA SER B 262 -30.38 14.37 -21.23
C SER B 262 -30.62 14.59 -22.72
N THR B 263 -31.88 14.41 -23.14
CA THR B 263 -32.26 14.69 -24.52
C THR B 263 -32.18 16.18 -24.80
N PRO B 264 -32.13 16.58 -26.08
CA PRO B 264 -32.24 17.99 -26.41
C PRO B 264 -33.50 18.65 -25.88
N SER B 265 -34.61 17.91 -25.80
CA SER B 265 -35.85 18.46 -25.26
C SER B 265 -35.72 18.74 -23.76
N GLU B 266 -35.13 17.79 -23.02
CA GLU B 266 -34.95 18.01 -21.59
C GLU B 266 -33.97 19.15 -21.34
N THR B 267 -32.94 19.27 -22.20
CA THR B 267 -31.97 20.36 -22.08
C THR B 267 -32.65 21.70 -22.28
N ALA B 268 -33.62 21.76 -23.17
CA ALA B 268 -34.34 23.02 -23.40
C ALA B 268 -35.23 23.38 -22.21
N GLU B 269 -35.83 22.37 -21.55
CA GLU B 269 -36.62 22.66 -20.36
C GLU B 269 -35.73 23.09 -19.20
N PHE B 270 -34.49 22.59 -19.16
CA PHE B 270 -33.55 22.99 -18.11
C PHE B 270 -33.09 24.42 -18.30
N THR B 271 -32.74 24.79 -19.54
CA THR B 271 -32.41 26.18 -19.88
C THR B 271 -33.53 27.13 -19.47
N GLN B 272 -34.78 26.77 -19.78
CA GLN B 272 -35.88 27.64 -19.44
C GLN B 272 -36.05 27.77 -17.92
N MET B 273 -35.85 26.67 -17.19
CA MET B 273 -35.93 26.74 -15.74
C MET B 273 -34.87 27.68 -15.17
N LEU B 274 -33.67 27.66 -15.74
CA LEU B 274 -32.62 28.55 -15.28
C LEU B 274 -32.93 30.00 -15.65
N ALA B 275 -33.33 30.25 -16.90
CA ALA B 275 -33.71 31.60 -17.28
C ALA B 275 -34.92 32.09 -16.48
N ASP B 276 -35.72 31.18 -15.92
CA ASP B 276 -36.83 31.54 -15.05
C ASP B 276 -36.42 31.73 -13.61
N GLY B 277 -35.15 31.49 -13.27
CA GLY B 277 -34.61 31.84 -11.97
C GLY B 277 -34.38 30.68 -11.03
N LEU B 278 -34.41 29.45 -11.53
CA LEU B 278 -34.14 28.26 -10.73
C LEU B 278 -32.87 28.41 -9.91
N ALA B 279 -32.96 28.09 -8.62
CA ALA B 279 -31.81 28.17 -7.72
C ALA B 279 -30.71 27.23 -8.17
N TRP B 280 -29.46 27.65 -8.00
CA TRP B 280 -28.33 26.81 -8.35
C TRP B 280 -28.41 25.47 -7.63
N GLY B 281 -28.76 25.51 -6.33
CA GLY B 281 -28.91 24.28 -5.57
C GLY B 281 -29.91 23.33 -6.19
N GLU B 282 -31.04 23.85 -6.65
CA GLU B 282 -31.99 22.98 -7.33
C GLU B 282 -31.46 22.53 -8.69
N ALA B 283 -30.71 23.39 -9.36
CA ALA B 283 -30.07 23.00 -10.62
C ALA B 283 -29.11 21.83 -10.39
N LYS B 284 -28.36 21.87 -9.28
CA LYS B 284 -27.47 20.77 -8.94
C LYS B 284 -28.23 19.49 -8.61
N LYS B 285 -29.33 19.61 -7.86
CA LYS B 285 -30.13 18.44 -7.51
C LYS B 285 -30.63 17.73 -8.76
N LEU B 286 -31.15 18.51 -9.72
CA LEU B 286 -31.68 17.95 -10.95
C LEU B 286 -30.56 17.32 -11.79
N SER B 287 -29.40 17.99 -11.87
CA SER B 287 -28.27 17.46 -12.64
C SER B 287 -27.78 16.15 -12.04
N ALA B 288 -27.58 16.12 -10.72
CA ALA B 288 -27.17 14.89 -10.06
C ALA B 288 -28.18 13.79 -10.30
N ALA B 289 -29.48 14.14 -10.35
CA ALA B 289 -30.50 13.13 -10.58
C ALA B 289 -30.43 12.59 -12.01
N LYS B 290 -30.13 13.46 -12.98
CA LYS B 290 -30.00 12.99 -14.37
C LYS B 290 -28.87 12.00 -14.52
N ILE B 291 -27.72 12.33 -13.91
CA ILE B 291 -26.56 11.45 -13.96
C ILE B 291 -26.90 10.12 -13.29
N ASN B 292 -27.52 10.17 -12.11
CA ASN B 292 -27.83 8.96 -11.36
C ASN B 292 -28.84 8.10 -12.09
N ALA B 293 -29.81 8.72 -12.78
CA ALA B 293 -30.80 7.94 -13.51
C ALA B 293 -30.16 7.19 -14.67
N GLU B 294 -29.29 7.86 -15.44
CA GLU B 294 -28.64 7.19 -16.55
C GLU B 294 -27.75 6.04 -16.06
N LEU B 295 -26.94 6.29 -15.04
CA LEU B 295 -25.97 5.32 -14.62
C LEU B 295 -26.55 4.18 -13.77
N ALA B 296 -27.78 4.31 -13.27
CA ALA B 296 -28.26 3.43 -12.22
C ALA B 296 -28.10 1.94 -12.58
N GLU B 297 -28.61 1.54 -13.73
CA GLU B 297 -28.51 0.13 -14.11
C GLU B 297 -27.07 -0.26 -14.37
N LEU B 298 -26.27 0.66 -14.89
CA LEU B 298 -24.87 0.36 -15.16
C LEU B 298 -24.11 0.14 -13.87
N ARG B 299 -24.44 0.94 -12.84
CA ARG B 299 -23.76 0.82 -11.56
C ARG B 299 -24.10 -0.50 -10.87
N GLU B 300 -25.37 -0.94 -10.93
CA GLU B 300 -25.71 -2.25 -10.41
C GLU B 300 -24.81 -3.33 -11.01
N ARG B 301 -24.52 -3.21 -12.31
CA ARG B 301 -23.69 -4.21 -13.00
C ARG B 301 -22.20 -4.04 -12.69
N TYR B 302 -21.74 -2.79 -12.57
CA TYR B 302 -20.37 -2.59 -12.13
C TYR B 302 -20.15 -3.18 -10.75
N ASN B 303 -21.12 -3.01 -9.86
CA ASN B 303 -20.95 -3.45 -8.48
C ASN B 303 -21.01 -4.97 -8.36
N ALA B 304 -21.83 -5.62 -9.19
CA ALA B 304 -21.81 -7.09 -9.17
C ALA B 304 -20.48 -7.61 -9.68
N LEU B 305 -19.94 -6.99 -10.73
CA LEU B 305 -18.66 -7.45 -11.28
C LEU B 305 -17.55 -7.31 -10.26
N THR B 306 -17.45 -6.14 -9.62
CA THR B 306 -16.37 -5.92 -8.66
C THR B 306 -16.59 -6.67 -7.37
N SER B 307 -17.83 -7.04 -7.03
CA SER B 307 -18.06 -7.87 -5.85
C SER B 307 -17.69 -9.33 -6.07
N ASN B 308 -17.50 -9.76 -7.32
CA ASN B 308 -17.02 -11.10 -7.63
C ASN B 308 -16.12 -11.04 -8.86
N PRO B 309 -14.90 -10.52 -8.70
CA PRO B 309 -14.07 -10.24 -9.90
C PRO B 309 -13.69 -11.46 -10.72
N SER B 310 -13.85 -12.68 -10.19
CA SER B 310 -13.61 -13.88 -10.99
C SER B 310 -14.58 -13.98 -12.17
N GLN B 311 -15.75 -13.36 -12.09
CA GLN B 311 -16.57 -13.19 -13.30
C GLN B 311 -15.82 -12.40 -14.37
N ILE B 312 -15.00 -11.42 -13.97
CA ILE B 312 -14.26 -10.65 -14.97
C ILE B 312 -13.09 -11.45 -15.49
N GLU B 313 -12.40 -12.17 -14.61
CA GLU B 313 -11.29 -13.02 -15.05
C GLU B 313 -11.76 -14.03 -16.10
N GLU B 314 -12.91 -14.65 -15.87
CA GLU B 314 -13.44 -15.63 -16.82
C GLU B 314 -13.74 -14.98 -18.16
N ILE B 315 -14.32 -13.79 -18.15
CA ILE B 315 -14.63 -13.10 -19.40
C ILE B 315 -13.35 -12.76 -20.15
N LEU B 316 -12.35 -12.23 -19.43
CA LEU B 316 -11.11 -11.88 -20.09
C LEU B 316 -10.40 -13.14 -20.61
N GLN B 317 -10.47 -14.26 -19.88
CA GLN B 317 -9.81 -15.48 -20.36
C GLN B 317 -10.49 -16.03 -21.61
N ALA B 318 -11.82 -15.97 -21.67
CA ALA B 318 -12.54 -16.39 -22.87
C ALA B 318 -12.23 -15.46 -24.05
N GLY B 319 -12.04 -14.16 -23.78
CA GLY B 319 -11.65 -13.25 -24.85
C GLY B 319 -10.25 -13.48 -25.37
N ALA B 320 -9.30 -13.75 -24.47
CA ALA B 320 -7.93 -14.02 -24.90
C ALA B 320 -7.83 -15.32 -25.69
N GLN B 321 -8.66 -16.31 -25.35
CA GLN B 321 -8.64 -17.53 -26.14
C GLN B 321 -9.12 -17.26 -27.58
N LYS B 322 -10.17 -16.45 -27.75
CA LYS B 322 -10.57 -16.06 -29.09
C LYS B 322 -9.47 -15.26 -29.78
N ALA B 323 -8.87 -14.33 -29.05
CA ALA B 323 -7.86 -13.47 -29.67
C ALA B 323 -6.62 -14.29 -30.08
N ARG B 324 -6.16 -15.20 -29.22
CA ARG B 324 -4.96 -15.97 -29.55
C ARG B 324 -5.19 -16.90 -30.75
N LYS B 325 -6.42 -17.38 -30.94
CA LYS B 325 -6.74 -18.13 -32.15
C LYS B 325 -6.35 -17.35 -33.41
N GLU B 326 -6.75 -16.08 -33.45
CA GLU B 326 -6.41 -15.20 -34.57
C GLU B 326 -4.92 -14.86 -34.60
N ALA B 327 -4.33 -14.54 -33.44
CA ALA B 327 -2.92 -14.14 -33.43
C ALA B 327 -2.02 -15.30 -33.84
N ARG B 328 -2.36 -16.51 -33.42
CA ARG B 328 -1.53 -17.66 -33.77
C ARG B 328 -1.52 -17.88 -35.28
N GLU B 329 -2.68 -17.75 -35.94
CA GLU B 329 -2.73 -18.04 -37.37
C GLU B 329 -1.84 -17.06 -38.16
N LEU B 330 -1.87 -15.77 -37.79
CA LEU B 330 -1.01 -14.80 -38.48
C LEU B 330 0.45 -14.96 -38.07
N LEU B 331 0.74 -15.18 -36.77
CA LEU B 331 2.14 -15.21 -36.35
C LEU B 331 2.90 -16.36 -37.04
N ASP B 332 2.21 -17.49 -37.26
CA ASP B 332 2.81 -18.59 -38.00
C ASP B 332 3.20 -18.18 -39.40
N LYS B 333 2.36 -17.42 -40.08
CA LYS B 333 2.76 -16.89 -41.38
C LYS B 333 3.92 -15.91 -41.23
N VAL B 334 3.89 -15.10 -40.16
CA VAL B 334 4.95 -14.11 -39.96
C VAL B 334 6.28 -14.80 -39.69
N ARG B 335 6.27 -15.81 -38.82
CA ARG B 335 7.48 -16.56 -38.51
C ARG B 335 8.09 -17.19 -39.75
N ASP B 336 7.27 -17.91 -40.52
CA ASP B 336 7.76 -18.53 -41.74
C ASP B 336 8.30 -17.48 -42.71
N ALA B 337 7.70 -16.28 -42.74
CA ALA B 337 8.14 -15.25 -43.68
C ALA B 337 9.48 -14.66 -43.29
N VAL B 338 9.79 -14.58 -41.99
CA VAL B 338 11.09 -14.06 -41.60
C VAL B 338 12.15 -15.15 -41.54
N GLY B 339 11.79 -16.38 -41.93
CA GLY B 339 12.76 -17.47 -42.02
C GLY B 339 12.83 -18.42 -40.84
N ILE B 340 11.86 -18.38 -39.92
CA ILE B 340 11.82 -19.29 -38.76
C ILE B 340 10.97 -20.49 -39.17
N ARG B 341 11.61 -21.60 -39.50
CA ARG B 341 10.90 -22.74 -40.08
C ARG B 341 11.41 -24.04 -39.45
N PRO B 342 10.55 -25.06 -39.36
CA PRO B 342 11.01 -26.37 -38.84
C PRO B 342 12.11 -26.99 -39.71
N LEU B 343 12.94 -27.79 -39.07
CA LEU B 343 13.90 -28.63 -39.78
C LEU B 343 13.22 -29.94 -40.13
N LYS B 344 13.19 -30.27 -41.43
CA LYS B 344 12.55 -31.51 -41.85
C LYS B 344 13.14 -32.07 -43.15
#